data_6K23
#
_entry.id   6K23
#
_cell.length_a   83.183
_cell.length_b   83.183
_cell.length_c   174.240
_cell.angle_alpha   90.000
_cell.angle_beta   90.000
_cell.angle_gamma   90.000
#
_symmetry.space_group_name_H-M   'P 41'
#
loop_
_entity.id
_entity.type
_entity.pdbx_description
1 polymer 'Enoyl-[acyl-carrier-protein] reductase [NADH]'
2 non-polymer NICOTINAMIDE-ADENINE-DINUCLEOTIDE
3 water water
#
_entity_poly.entity_id   1
_entity_poly.type   'polypeptide(L)'
_entity_poly.pdbx_seq_one_letter_code
;QGLLAGKRFLIAGVASKLSIAYGIAQALHREGAELAFTYPNEKLKKRVDEFAEQFGSKLVFPCDVAVDAEIDNAFAELAK
HWDGVDGVVHSIGFAPAHTLDGDFTDVTDRDGFKIAHDISAYSFVAMARAAKPLLQARQGCLLTLTYQGSERVMPNYNVM
GMAKASLEAGVRYLASSLGVDGIRVNAISAGPIRTLAASGIKSFRKMLDANEKVAPLKRNVTIEEVGNAALFLCSPWASG
ITGEILYVDAGFNTVGMSQS
;
_entity_poly.pdbx_strand_id   A,B,C,D
#
loop_
_chem_comp.id
_chem_comp.type
_chem_comp.name
_chem_comp.formula
NAD non-polymer NICOTINAMIDE-ADENINE-DINUCLEOTIDE 'C21 H27 N7 O14 P2'
#
# COMPACT_ATOMS: atom_id res chain seq x y z
N GLN A 1 -32.74 19.87 12.04
CA GLN A 1 -31.50 20.49 11.48
C GLN A 1 -30.87 19.54 10.45
N GLY A 2 -29.95 20.08 9.65
CA GLY A 2 -28.93 19.31 8.93
C GLY A 2 -27.77 18.99 9.86
N LEU A 3 -26.87 18.10 9.43
CA LEU A 3 -25.71 17.61 10.21
C LEU A 3 -24.70 18.75 10.39
N LEU A 4 -24.56 19.60 9.37
CA LEU A 4 -23.60 20.73 9.35
C LEU A 4 -24.34 22.05 9.53
N ALA A 5 -25.14 22.13 10.58
CA ALA A 5 -25.99 23.30 10.90
C ALA A 5 -25.23 24.30 11.79
N GLY A 6 -25.01 25.50 11.27
CA GLY A 6 -24.21 26.55 11.94
C GLY A 6 -22.73 26.27 11.78
N LYS A 7 -22.34 25.85 10.57
CA LYS A 7 -20.94 25.51 10.22
C LYS A 7 -20.56 26.22 8.93
N ARG A 8 -19.28 26.57 8.80
CA ARG A 8 -18.79 27.37 7.67
C ARG A 8 -17.68 26.65 6.93
N PHE A 9 -17.80 26.61 5.60
CA PHE A 9 -16.85 25.91 4.71
C PHE A 9 -16.46 26.82 3.56
N LEU A 10 -15.16 26.89 3.28
CA LEU A 10 -14.64 27.55 2.07
C LEU A 10 -14.48 26.51 0.97
N ILE A 11 -14.88 26.88 -0.26
CA ILE A 11 -14.88 25.97 -1.46
C ILE A 11 -14.04 26.64 -2.54
N ALA A 12 -12.80 26.19 -2.68
CA ALA A 12 -11.85 26.67 -3.71
C ALA A 12 -11.78 25.66 -4.86
N GLY A 13 -12.12 26.11 -6.08
CA GLY A 13 -12.03 25.29 -7.32
C GLY A 13 -13.35 25.03 -8.01
N VAL A 14 -14.29 25.98 -8.01
CA VAL A 14 -15.61 25.88 -8.71
C VAL A 14 -15.49 26.55 -10.08
N ALA A 15 -15.54 25.77 -11.15
CA ALA A 15 -15.34 26.26 -12.54
C ALA A 15 -16.66 26.20 -13.31
N SER A 16 -17.36 25.08 -13.22
CA SER A 16 -18.65 24.81 -13.91
C SER A 16 -19.56 23.99 -13.01
N LYS A 17 -20.74 23.64 -13.52
CA LYS A 17 -21.69 22.73 -12.82
C LYS A 17 -21.25 21.26 -12.99
N LEU A 18 -20.27 20.97 -13.85
CA LEU A 18 -19.65 19.61 -13.92
C LEU A 18 -18.63 19.42 -12.80
N SER A 19 -18.04 20.50 -12.26
CA SER A 19 -16.97 20.45 -11.22
C SER A 19 -17.36 19.57 -10.03
N ILE A 20 -16.32 19.06 -9.35
CA ILE A 20 -16.41 18.23 -8.11
C ILE A 20 -16.70 19.16 -6.94
N ALA A 21 -15.98 20.28 -6.87
CA ALA A 21 -16.16 21.33 -5.84
C ALA A 21 -17.59 21.88 -5.92
N TYR A 22 -18.16 21.97 -7.12
CA TYR A 22 -19.59 22.32 -7.33
C TYR A 22 -20.44 21.26 -6.62
N GLY A 23 -20.27 20.01 -7.03
CA GLY A 23 -20.94 18.84 -6.40
C GLY A 23 -20.76 18.86 -4.89
N ILE A 24 -19.56 19.12 -4.41
CA ILE A 24 -19.27 19.19 -2.95
C ILE A 24 -20.17 20.24 -2.31
N ALA A 25 -20.18 21.46 -2.85
CA ALA A 25 -20.98 22.59 -2.33
C ALA A 25 -22.45 22.18 -2.15
N GLN A 26 -23.06 21.61 -3.21
CA GLN A 26 -24.47 21.14 -3.24
C GLN A 26 -24.77 20.24 -2.04
N ALA A 27 -23.85 19.32 -1.72
CA ALA A 27 -23.95 18.40 -0.58
C ALA A 27 -23.89 19.19 0.73
N LEU A 28 -23.01 20.17 0.83
CA LEU A 28 -22.74 20.85 2.12
C LEU A 28 -23.91 21.77 2.48
N HIS A 29 -24.39 22.57 1.51
CA HIS A 29 -25.58 23.45 1.66
C HIS A 29 -26.81 22.60 1.98
N ARG A 30 -27.00 21.49 1.27
CA ARG A 30 -28.11 20.52 1.48
C ARG A 30 -28.23 20.11 2.96
N GLU A 31 -27.12 20.08 3.72
CA GLU A 31 -27.18 19.75 5.17
C GLU A 31 -26.91 21.01 6.02
N GLY A 32 -27.24 22.20 5.48
CA GLY A 32 -27.35 23.46 6.25
C GLY A 32 -26.03 24.17 6.50
N ALA A 33 -25.10 24.11 5.55
CA ALA A 33 -23.78 24.75 5.70
C ALA A 33 -23.79 26.10 4.98
N GLU A 34 -23.14 27.09 5.59
CA GLU A 34 -22.98 28.45 5.04
C GLU A 34 -21.64 28.48 4.30
N LEU A 35 -21.69 28.51 2.97
CA LEU A 35 -20.48 28.38 2.13
C LEU A 35 -19.86 29.76 1.86
N ALA A 36 -18.53 29.76 1.74
CA ALA A 36 -17.76 30.82 1.05
C ALA A 36 -17.28 30.24 -0.27
N PHE A 37 -16.67 31.06 -1.13
CA PHE A 37 -16.14 30.62 -2.44
C PHE A 37 -14.94 31.47 -2.83
N THR A 38 -14.12 30.94 -3.76
CA THR A 38 -12.97 31.66 -4.36
C THR A 38 -12.98 31.52 -5.87
N TYR A 39 -12.33 32.46 -6.56
CA TYR A 39 -12.15 32.45 -8.03
C TYR A 39 -10.69 32.77 -8.36
N PRO A 40 -10.11 32.16 -9.41
CA PRO A 40 -8.68 32.30 -9.67
C PRO A 40 -8.29 33.54 -10.50
N ASN A 41 -8.93 33.74 -11.65
CA ASN A 41 -8.67 34.93 -12.51
C ASN A 41 -9.97 35.71 -12.71
N GLU A 42 -9.85 36.91 -13.30
CA GLU A 42 -10.98 37.84 -13.49
C GLU A 42 -12.06 37.16 -14.35
N LYS A 43 -11.65 36.44 -15.40
CA LYS A 43 -12.58 35.80 -16.36
C LYS A 43 -13.56 34.82 -15.68
N LEU A 44 -13.22 34.29 -14.50
CA LEU A 44 -14.09 33.31 -13.79
C LEU A 44 -15.13 34.04 -12.91
N LYS A 45 -14.88 35.29 -12.52
CA LYS A 45 -15.50 35.89 -11.30
C LYS A 45 -17.02 35.75 -11.32
N LYS A 46 -17.68 36.28 -12.36
CA LYS A 46 -19.17 36.38 -12.39
C LYS A 46 -19.80 34.99 -12.31
N ARG A 47 -19.25 34.00 -13.02
CA ARG A 47 -19.72 32.59 -12.94
C ARG A 47 -19.65 32.11 -11.49
N VAL A 48 -18.65 32.54 -10.71
CA VAL A 48 -18.48 32.13 -9.28
C VAL A 48 -19.44 32.95 -8.39
N ASP A 49 -19.68 34.22 -8.70
CA ASP A 49 -20.72 35.06 -8.03
C ASP A 49 -22.08 34.38 -8.16
N GLU A 50 -22.37 33.84 -9.35
CA GLU A 50 -23.66 33.21 -9.73
C GLU A 50 -23.83 31.83 -9.07
N PHE A 51 -22.77 31.02 -9.02
CA PHE A 51 -22.79 29.72 -8.30
C PHE A 51 -22.94 29.99 -6.80
N ALA A 52 -22.27 31.03 -6.28
CA ALA A 52 -22.38 31.44 -4.86
C ALA A 52 -23.79 31.93 -4.54
N GLU A 53 -24.39 32.71 -5.45
CA GLU A 53 -25.80 33.19 -5.33
C GLU A 53 -26.76 31.98 -5.28
N GLN A 54 -26.46 30.89 -5.99
CA GLN A 54 -27.29 29.64 -6.01
C GLN A 54 -27.22 28.92 -4.66
N PHE A 55 -26.24 29.24 -3.79
CA PHE A 55 -26.09 28.67 -2.43
C PHE A 55 -26.25 29.75 -1.35
N GLY A 56 -26.89 30.88 -1.70
CA GLY A 56 -27.22 31.97 -0.76
C GLY A 56 -25.99 32.60 -0.14
N SER A 57 -24.99 32.90 -0.98
CA SER A 57 -23.64 33.27 -0.53
C SER A 57 -23.10 34.48 -1.32
N LYS A 58 -22.67 35.49 -0.57
CA LYS A 58 -21.91 36.66 -1.07
C LYS A 58 -20.59 36.74 -0.30
N LEU A 59 -19.94 35.59 -0.13
CA LEU A 59 -18.50 35.50 0.25
C LEU A 59 -17.76 34.85 -0.92
N VAL A 60 -17.34 35.68 -1.86
CA VAL A 60 -16.62 35.29 -3.12
C VAL A 60 -15.37 36.17 -3.23
N PHE A 61 -14.20 35.54 -3.34
CA PHE A 61 -12.89 36.23 -3.22
C PHE A 61 -11.93 35.83 -4.33
N PRO A 62 -10.90 36.65 -4.60
CA PRO A 62 -9.85 36.24 -5.52
C PRO A 62 -8.83 35.41 -4.73
N CYS A 63 -8.44 34.25 -5.28
CA CYS A 63 -7.30 33.46 -4.77
C CYS A 63 -6.70 32.62 -5.89
N ASP A 64 -5.77 33.22 -6.64
CA ASP A 64 -4.89 32.48 -7.57
C ASP A 64 -3.76 31.88 -6.72
N VAL A 65 -3.63 30.55 -6.68
CA VAL A 65 -2.68 29.88 -5.72
C VAL A 65 -1.23 29.98 -6.24
N ALA A 66 -1.01 30.36 -7.50
CA ALA A 66 0.34 30.64 -8.05
C ALA A 66 1.03 31.79 -7.28
N VAL A 67 0.23 32.74 -6.76
CA VAL A 67 0.69 33.98 -6.06
C VAL A 67 0.49 33.82 -4.55
N ASP A 68 1.50 34.20 -3.76
CA ASP A 68 1.51 34.00 -2.30
C ASP A 68 0.59 35.02 -1.62
N ALA A 69 0.71 36.28 -2.04
CA ALA A 69 -0.11 37.42 -1.55
C ALA A 69 -1.60 37.15 -1.76
N GLU A 70 -1.99 36.58 -2.90
CA GLU A 70 -3.42 36.27 -3.21
C GLU A 70 -3.94 35.15 -2.30
N ILE A 71 -3.08 34.23 -1.85
CA ILE A 71 -3.47 33.18 -0.85
C ILE A 71 -3.52 33.83 0.53
N ASP A 72 -2.51 34.61 0.88
CA ASP A 72 -2.42 35.31 2.20
C ASP A 72 -3.60 36.28 2.33
N ASN A 73 -3.95 36.97 1.23
CA ASN A 73 -5.00 38.04 1.15
C ASN A 73 -6.36 37.48 1.55
N ALA A 74 -6.86 36.52 0.77
CA ALA A 74 -8.24 35.98 0.85
C ALA A 74 -8.57 35.47 2.27
N PHE A 75 -7.58 34.97 3.02
CA PHE A 75 -7.81 34.41 4.37
C PHE A 75 -7.70 35.50 5.47
N ALA A 76 -7.28 36.71 5.10
CA ALA A 76 -7.53 37.95 5.88
C ALA A 76 -8.91 38.48 5.50
N GLU A 77 -9.24 38.46 4.21
CA GLU A 77 -10.55 38.95 3.66
C GLU A 77 -11.69 38.10 4.25
N LEU A 78 -11.48 36.79 4.32
CA LEU A 78 -12.45 35.86 4.96
C LEU A 78 -12.50 36.14 6.47
N ALA A 79 -11.35 36.48 7.08
CA ALA A 79 -11.23 36.70 8.54
C ALA A 79 -12.10 37.88 9.00
N LYS A 80 -12.47 38.77 8.09
CA LYS A 80 -13.41 39.91 8.39
C LYS A 80 -14.82 39.37 8.60
N HIS A 81 -15.32 38.58 7.65
CA HIS A 81 -16.72 38.05 7.66
C HIS A 81 -16.90 36.94 8.71
N TRP A 82 -15.93 36.05 8.87
CA TRP A 82 -16.00 34.92 9.84
C TRP A 82 -14.88 35.05 10.88
N ASP A 83 -15.22 34.76 12.14
CA ASP A 83 -14.25 34.68 13.26
C ASP A 83 -13.56 33.31 13.24
N GLY A 84 -14.26 32.28 12.75
CA GLY A 84 -13.75 30.90 12.69
C GLY A 84 -14.48 30.10 11.61
N VAL A 85 -13.74 29.19 10.97
CA VAL A 85 -14.23 28.37 9.82
C VAL A 85 -14.13 26.89 10.21
N ASP A 86 -15.05 26.06 9.69
CA ASP A 86 -15.13 24.62 10.02
C ASP A 86 -14.41 23.78 8.96
N GLY A 87 -14.12 24.36 7.78
CA GLY A 87 -13.13 23.73 6.90
C GLY A 87 -12.87 24.48 5.61
N VAL A 88 -11.63 24.38 5.13
CA VAL A 88 -11.30 24.66 3.71
C VAL A 88 -11.40 23.34 2.96
N VAL A 89 -11.85 23.42 1.71
CA VAL A 89 -11.94 22.28 0.78
C VAL A 89 -11.12 22.67 -0.45
N HIS A 90 -9.90 22.15 -0.49
CA HIS A 90 -8.96 22.30 -1.63
C HIS A 90 -9.46 21.39 -2.72
N SER A 91 -9.80 21.93 -3.89
CA SER A 91 -10.19 21.11 -5.06
C SER A 91 -9.65 21.80 -6.30
N ILE A 92 -8.36 22.07 -6.25
CA ILE A 92 -7.61 22.77 -7.33
C ILE A 92 -6.59 21.78 -7.90
N GLY A 93 -6.40 21.84 -9.21
CA GLY A 93 -5.45 21.00 -9.94
C GLY A 93 -5.16 21.60 -11.30
N PHE A 94 -3.93 21.47 -11.78
CA PHE A 94 -3.59 21.97 -13.13
C PHE A 94 -2.31 21.31 -13.66
N ALA A 95 -2.20 21.26 -14.99
CA ALA A 95 -0.96 20.90 -15.71
C ALA A 95 -1.06 21.34 -17.16
N PRO A 96 -0.01 21.98 -17.73
CA PRO A 96 -0.01 22.34 -19.15
C PRO A 96 -0.44 21.19 -20.06
N ALA A 97 -1.48 21.43 -20.87
CA ALA A 97 -2.12 20.44 -21.77
C ALA A 97 -1.07 19.55 -22.44
N HIS A 98 0.06 20.12 -22.89
CA HIS A 98 1.11 19.41 -23.67
C HIS A 98 1.77 18.28 -22.87
N THR A 99 1.81 18.38 -21.53
CA THR A 99 2.39 17.35 -20.61
C THR A 99 1.46 16.17 -20.42
N LEU A 100 0.15 16.38 -20.58
CA LEU A 100 -0.86 15.30 -20.42
C LEU A 100 -1.22 14.70 -21.78
N ASP A 101 -0.34 14.81 -22.77
CA ASP A 101 -0.66 14.51 -24.19
C ASP A 101 0.57 13.90 -24.86
N GLY A 102 0.89 12.65 -24.51
CA GLY A 102 2.00 11.89 -25.13
C GLY A 102 2.71 10.95 -24.17
N ASP A 103 3.87 10.45 -24.61
CA ASP A 103 4.77 9.57 -23.81
C ASP A 103 5.39 10.36 -22.66
N PHE A 104 5.28 9.85 -21.44
CA PHE A 104 5.73 10.55 -20.20
C PHE A 104 7.15 11.10 -20.33
N THR A 105 8.09 10.31 -20.81
CA THR A 105 9.50 10.76 -20.93
C THR A 105 9.58 11.88 -21.97
N ASP A 106 8.89 11.74 -23.10
CA ASP A 106 9.08 12.64 -24.27
C ASP A 106 8.64 14.07 -23.92
N VAL A 107 7.64 14.26 -23.05
CA VAL A 107 6.87 15.56 -22.92
C VAL A 107 7.02 16.26 -21.55
N THR A 108 7.59 15.60 -20.55
CA THR A 108 7.69 16.11 -19.16
C THR A 108 8.92 17.01 -19.03
N ASP A 109 8.76 18.28 -19.36
CA ASP A 109 9.84 19.30 -19.20
C ASP A 109 9.76 19.92 -17.81
N ARG A 110 10.76 20.76 -17.49
CA ARG A 110 10.98 21.31 -16.13
C ARG A 110 9.84 22.27 -15.75
N ASP A 111 9.38 23.10 -16.69
CA ASP A 111 8.34 24.10 -16.33
C ASP A 111 7.00 23.39 -16.14
N GLY A 112 6.68 22.40 -16.98
CA GLY A 112 5.45 21.60 -16.83
C GLY A 112 5.40 20.95 -15.46
N PHE A 113 6.47 20.23 -15.11
CA PHE A 113 6.68 19.64 -13.77
C PHE A 113 6.49 20.70 -12.68
N LYS A 114 7.10 21.89 -12.85
CA LYS A 114 7.07 23.00 -11.86
C LYS A 114 5.63 23.45 -11.61
N ILE A 115 4.88 23.76 -12.68
CA ILE A 115 3.46 24.23 -12.61
C ILE A 115 2.63 23.14 -11.93
N ALA A 116 2.67 21.92 -12.47
CA ALA A 116 1.90 20.75 -11.99
C ALA A 116 1.96 20.65 -10.45
N HIS A 117 3.16 20.59 -9.88
CA HIS A 117 3.38 20.41 -8.41
C HIS A 117 3.05 21.68 -7.63
N ASP A 118 3.17 22.84 -8.28
CA ASP A 118 2.95 24.17 -7.65
C ASP A 118 1.44 24.37 -7.43
N ILE A 119 0.65 24.19 -8.49
CA ILE A 119 -0.83 24.39 -8.44
C ILE A 119 -1.51 23.21 -7.72
N SER A 120 -1.15 21.96 -8.04
CA SER A 120 -1.94 20.75 -7.65
C SER A 120 -1.52 20.20 -6.28
N ALA A 121 -0.27 20.39 -5.85
CA ALA A 121 0.27 19.79 -4.61
C ALA A 121 0.62 20.86 -3.58
N TYR A 122 1.47 21.81 -3.96
CA TYR A 122 2.01 22.79 -2.99
C TYR A 122 0.86 23.59 -2.40
N SER A 123 0.03 24.12 -3.29
CA SER A 123 -1.13 24.99 -2.95
C SER A 123 -1.82 24.51 -1.67
N PHE A 124 -2.09 23.21 -1.53
CA PHE A 124 -2.76 22.63 -0.34
C PHE A 124 -1.98 22.95 0.94
N VAL A 125 -0.64 22.97 0.87
CA VAL A 125 0.22 23.29 2.05
C VAL A 125 0.10 24.78 2.38
N ALA A 126 0.07 25.66 1.37
CA ALA A 126 -0.10 27.12 1.53
C ALA A 126 -1.47 27.45 2.14
N MET A 127 -2.53 26.98 1.48
CA MET A 127 -3.93 27.21 1.91
C MET A 127 -4.20 26.56 3.27
N ALA A 128 -3.39 25.58 3.67
CA ALA A 128 -3.45 25.06 5.05
C ALA A 128 -2.93 26.15 5.98
N ARG A 129 -1.80 26.75 5.62
CA ARG A 129 -1.13 27.77 6.45
C ARG A 129 -1.98 29.05 6.54
N ALA A 130 -2.39 29.60 5.39
CA ALA A 130 -3.27 30.78 5.28
C ALA A 130 -4.53 30.60 6.14
N ALA A 131 -5.10 29.38 6.18
CA ALA A 131 -6.40 29.05 6.81
C ALA A 131 -6.26 28.63 8.28
N LYS A 132 -5.05 28.41 8.78
CA LYS A 132 -4.82 27.79 10.12
C LYS A 132 -5.44 28.61 11.26
N PRO A 133 -5.29 29.96 11.30
CA PRO A 133 -5.92 30.75 12.37
C PRO A 133 -7.43 30.51 12.48
N LEU A 134 -8.17 30.63 11.37
CA LEU A 134 -9.65 30.46 11.36
C LEU A 134 -10.04 29.01 11.67
N LEU A 135 -9.19 28.05 11.29
CA LEU A 135 -9.42 26.60 11.49
C LEU A 135 -9.32 26.23 12.99
N GLN A 136 -8.39 26.86 13.72
CA GLN A 136 -8.12 26.55 15.16
C GLN A 136 -9.28 26.97 16.07
N ALA A 137 -10.07 27.98 15.68
CA ALA A 137 -11.20 28.51 16.47
C ALA A 137 -12.23 27.40 16.68
N ARG A 138 -12.70 26.82 15.58
CA ARG A 138 -13.77 25.78 15.59
C ARG A 138 -13.21 24.38 15.36
N GLN A 139 -11.89 24.19 15.54
CA GLN A 139 -11.19 22.90 15.32
C GLN A 139 -11.62 22.32 13.97
N GLY A 140 -11.51 23.13 12.92
CA GLY A 140 -11.99 22.79 11.57
C GLY A 140 -11.09 21.76 10.91
N CYS A 141 -11.24 21.59 9.60
CA CYS A 141 -10.72 20.40 8.90
C CYS A 141 -10.52 20.68 7.42
N LEU A 142 -9.40 20.20 6.88
CA LEU A 142 -9.05 20.37 5.45
C LEU A 142 -9.49 19.15 4.64
N LEU A 143 -9.53 19.33 3.32
CA LEU A 143 -9.94 18.24 2.40
C LEU A 143 -9.55 18.59 0.99
N THR A 144 -8.62 17.82 0.41
CA THR A 144 -8.29 17.90 -1.04
C THR A 144 -8.73 16.64 -1.77
N LEU A 145 -8.72 16.72 -3.09
CA LEU A 145 -9.11 15.61 -3.99
C LEU A 145 -7.81 15.01 -4.56
N THR A 146 -7.83 13.75 -4.94
CA THR A 146 -6.66 13.14 -5.62
C THR A 146 -7.12 12.04 -6.56
N TYR A 147 -6.19 11.55 -7.36
CA TYR A 147 -6.46 10.48 -8.35
C TYR A 147 -5.48 9.33 -8.13
N GLN A 148 -6.01 8.11 -8.29
CA GLN A 148 -5.24 6.86 -8.03
C GLN A 148 -4.13 6.68 -9.07
N GLY A 149 -4.12 7.51 -10.12
CA GLY A 149 -2.93 7.75 -10.98
C GLY A 149 -1.68 8.24 -10.25
N SER A 150 -1.70 8.40 -8.92
CA SER A 150 -0.48 8.61 -8.10
C SER A 150 0.10 7.25 -7.75
N GLU A 151 -0.76 6.32 -7.31
CA GLU A 151 -0.32 4.98 -6.82
C GLU A 151 -0.10 3.97 -7.96
N ARG A 152 -0.76 4.11 -9.13
CA ARG A 152 -0.55 3.22 -10.31
C ARG A 152 -0.67 4.02 -11.60
N VAL A 153 0.00 3.57 -12.65
CA VAL A 153 0.14 4.35 -13.93
C VAL A 153 -1.18 4.31 -14.69
N MET A 154 -1.73 5.48 -15.01
CA MET A 154 -2.89 5.64 -15.91
C MET A 154 -2.40 6.35 -17.16
N PRO A 155 -2.83 5.95 -18.37
CA PRO A 155 -2.17 6.43 -19.59
C PRO A 155 -2.53 7.91 -19.77
N ASN A 156 -1.55 8.69 -20.22
CA ASN A 156 -1.65 10.16 -20.47
C ASN A 156 -1.52 10.98 -19.18
N TYR A 157 -2.02 10.49 -18.04
CA TYR A 157 -2.10 11.29 -16.79
C TYR A 157 -0.73 11.89 -16.44
N ASN A 158 0.32 11.08 -16.58
CA ASN A 158 1.74 11.53 -16.64
C ASN A 158 2.12 12.37 -15.41
N VAL A 159 2.35 13.67 -15.57
CA VAL A 159 3.04 14.47 -14.51
C VAL A 159 2.08 14.69 -13.32
N MET A 160 0.78 14.80 -13.57
CA MET A 160 -0.24 14.93 -12.48
C MET A 160 -0.16 13.74 -11.52
N GLY A 161 0.29 12.57 -11.98
CA GLY A 161 0.57 11.42 -11.10
C GLY A 161 1.59 11.77 -10.03
N MET A 162 2.66 12.45 -10.43
CA MET A 162 3.77 12.82 -9.51
C MET A 162 3.29 13.94 -8.60
N ALA A 163 2.50 14.86 -9.14
CA ALA A 163 1.88 15.94 -8.35
C ALA A 163 0.94 15.33 -7.30
N LYS A 164 0.09 14.39 -7.70
CA LYS A 164 -0.93 13.81 -6.76
C LYS A 164 -0.24 13.00 -5.68
N ALA A 165 0.84 12.28 -6.04
CA ALA A 165 1.70 11.55 -5.08
C ALA A 165 2.24 12.52 -4.05
N SER A 166 2.76 13.65 -4.51
CA SER A 166 3.29 14.73 -3.65
C SER A 166 2.16 15.19 -2.74
N LEU A 167 1.01 15.50 -3.32
CA LEU A 167 -0.19 16.02 -2.58
C LEU A 167 -0.61 15.02 -1.50
N GLU A 168 -0.73 13.74 -1.82
CA GLU A 168 -1.20 12.72 -0.84
C GLU A 168 -0.19 12.65 0.31
N ALA A 169 1.09 12.92 0.04
CA ALA A 169 2.15 12.96 1.08
C ALA A 169 1.96 14.25 1.87
N GLY A 170 1.68 15.35 1.16
CA GLY A 170 1.22 16.63 1.74
C GLY A 170 0.13 16.43 2.78
N VAL A 171 -0.88 15.60 2.48
CA VAL A 171 -2.01 15.30 3.41
C VAL A 171 -1.47 14.67 4.69
N ARG A 172 -0.68 13.60 4.59
CA ARG A 172 -0.21 12.83 5.79
C ARG A 172 0.63 13.70 6.70
N TYR A 173 1.39 14.64 6.13
CA TYR A 173 2.31 15.54 6.88
C TYR A 173 1.53 16.64 7.60
N LEU A 174 0.71 17.40 6.86
CA LEU A 174 -0.25 18.39 7.45
C LEU A 174 -1.04 17.74 8.58
N ALA A 175 -1.59 16.55 8.36
CA ALA A 175 -2.39 15.80 9.34
C ALA A 175 -1.64 15.60 10.67
N SER A 176 -0.30 15.46 10.62
CA SER A 176 0.53 15.29 11.84
C SER A 176 0.78 16.65 12.49
N SER A 177 1.20 17.62 11.68
CA SER A 177 1.45 19.03 12.06
C SER A 177 0.22 19.61 12.78
N LEU A 178 -0.92 19.69 12.08
CA LEU A 178 -2.13 20.41 12.55
C LEU A 178 -2.97 19.55 13.49
N GLY A 179 -2.67 18.27 13.62
CA GLY A 179 -3.44 17.39 14.52
C GLY A 179 -3.47 17.95 15.93
N VAL A 180 -2.34 18.50 16.37
CA VAL A 180 -2.13 19.04 17.75
C VAL A 180 -3.18 20.12 18.04
N ASP A 181 -3.56 20.89 17.02
CA ASP A 181 -4.61 21.94 17.12
C ASP A 181 -6.01 21.35 16.86
N GLY A 182 -6.17 20.01 16.93
CA GLY A 182 -7.46 19.32 16.74
C GLY A 182 -7.88 19.18 15.29
N ILE A 183 -7.06 19.64 14.34
CA ILE A 183 -7.46 19.78 12.90
C ILE A 183 -7.30 18.43 12.19
N ARG A 184 -8.29 18.10 11.36
CA ARG A 184 -8.30 16.86 10.57
C ARG A 184 -7.97 17.19 9.12
N VAL A 185 -7.01 16.48 8.53
CA VAL A 185 -6.69 16.61 7.08
C VAL A 185 -6.98 15.28 6.41
N ASN A 186 -7.64 15.33 5.27
CA ASN A 186 -8.06 14.12 4.53
C ASN A 186 -8.11 14.39 3.03
N ALA A 187 -8.15 13.31 2.26
CA ALA A 187 -8.35 13.38 0.80
C ALA A 187 -9.39 12.35 0.36
N ILE A 188 -9.90 12.57 -0.85
CA ILE A 188 -10.76 11.60 -1.58
C ILE A 188 -10.05 11.23 -2.88
N SER A 189 -9.70 9.95 -3.05
CA SER A 189 -9.34 9.43 -4.39
C SER A 189 -10.63 9.19 -5.16
N ALA A 190 -11.05 10.18 -5.96
CA ALA A 190 -12.25 10.11 -6.81
C ALA A 190 -11.92 9.26 -8.03
N GLY A 191 -12.87 8.46 -8.50
CA GLY A 191 -12.78 7.82 -9.82
C GLY A 191 -12.77 8.87 -10.91
N PRO A 192 -12.52 8.51 -12.18
CA PRO A 192 -12.46 9.52 -13.24
C PRO A 192 -13.86 10.07 -13.50
N ILE A 193 -13.97 11.38 -13.74
CA ILE A 193 -15.26 12.08 -13.97
C ILE A 193 -15.07 13.09 -15.11
N ARG A 194 -16.03 13.18 -16.03
CA ARG A 194 -15.99 14.15 -17.16
C ARG A 194 -16.22 15.57 -16.62
N THR A 195 -15.16 16.36 -16.51
CA THR A 195 -15.21 17.79 -16.08
C THR A 195 -14.31 18.62 -16.99
N LEU A 196 -14.28 19.94 -16.76
CA LEU A 196 -13.65 20.91 -17.69
C LEU A 196 -12.16 20.61 -17.90
N ALA A 197 -11.51 19.85 -17.00
CA ALA A 197 -10.13 19.32 -17.17
C ALA A 197 -10.02 18.41 -18.41
N ALA A 198 -11.07 17.66 -18.75
CA ALA A 198 -11.08 16.71 -19.90
C ALA A 198 -11.63 17.35 -21.18
N SER A 199 -12.16 18.58 -21.14
CA SER A 199 -12.95 19.19 -22.25
C SER A 199 -12.05 19.59 -23.43
N GLY A 200 -12.00 18.72 -24.45
CA GLY A 200 -11.04 18.79 -25.58
C GLY A 200 -10.30 17.47 -25.78
N ILE A 201 -10.21 16.64 -24.73
CA ILE A 201 -9.43 15.36 -24.71
C ILE A 201 -10.35 14.23 -25.25
N LYS A 202 -9.93 13.52 -26.30
CA LYS A 202 -10.66 12.36 -26.89
C LYS A 202 -10.54 11.10 -26.01
N SER A 203 -9.30 10.78 -25.63
CA SER A 203 -8.87 9.53 -24.93
C SER A 203 -9.52 9.38 -23.54
N PHE A 204 -9.91 10.49 -22.90
CA PHE A 204 -10.59 10.47 -21.59
C PHE A 204 -11.86 9.60 -21.62
N ARG A 205 -12.64 9.59 -22.72
CA ARG A 205 -13.87 8.76 -22.76
C ARG A 205 -13.43 7.30 -22.63
N LYS A 206 -12.55 6.86 -23.53
CA LYS A 206 -11.99 5.47 -23.56
C LYS A 206 -11.47 5.10 -22.16
N MET A 207 -10.91 6.09 -21.46
CA MET A 207 -10.50 5.94 -20.04
C MET A 207 -11.74 5.79 -19.15
N LEU A 208 -12.73 6.68 -19.30
CA LEU A 208 -14.04 6.60 -18.57
C LEU A 208 -14.74 5.28 -18.85
N ASP A 209 -14.63 4.77 -20.08
CA ASP A 209 -15.29 3.50 -20.48
C ASP A 209 -14.61 2.36 -19.74
N ALA A 210 -13.28 2.30 -19.79
CA ALA A 210 -12.45 1.28 -19.10
C ALA A 210 -12.87 1.19 -17.62
N ASN A 211 -12.88 2.32 -16.92
CA ASN A 211 -13.27 2.37 -15.48
C ASN A 211 -14.57 1.59 -15.26
N GLU A 212 -15.59 1.88 -16.07
CA GLU A 212 -16.96 1.32 -15.97
C GLU A 212 -16.93 -0.21 -16.13
N LYS A 213 -16.08 -0.70 -17.05
CA LYS A 213 -15.94 -2.14 -17.36
C LYS A 213 -15.26 -2.86 -16.19
N VAL A 214 -14.16 -2.28 -15.67
CA VAL A 214 -13.36 -2.90 -14.58
C VAL A 214 -14.06 -2.77 -13.23
N ALA A 215 -14.57 -1.59 -12.87
CA ALA A 215 -15.10 -1.30 -11.52
C ALA A 215 -16.14 -2.36 -11.14
N PRO A 216 -16.12 -2.90 -9.90
CA PRO A 216 -17.13 -3.84 -9.41
C PRO A 216 -18.62 -3.45 -9.46
N LEU A 217 -18.97 -2.18 -9.23
CA LEU A 217 -20.37 -1.71 -9.38
C LEU A 217 -20.70 -1.43 -10.86
N LYS A 218 -19.72 -1.57 -11.75
CA LYS A 218 -19.89 -1.59 -13.24
C LYS A 218 -20.37 -0.23 -13.74
N ARG A 219 -20.10 0.81 -12.97
CA ARG A 219 -20.54 2.19 -13.31
C ARG A 219 -19.46 3.18 -12.90
N ASN A 220 -19.51 4.34 -13.52
CA ASN A 220 -18.67 5.48 -13.09
C ASN A 220 -19.37 6.08 -11.88
N VAL A 221 -18.70 7.02 -11.22
CA VAL A 221 -19.23 7.71 -10.02
C VAL A 221 -19.57 9.14 -10.39
N THR A 222 -20.51 9.71 -9.63
CA THR A 222 -21.04 11.08 -9.85
C THR A 222 -20.46 12.06 -8.84
N ILE A 223 -20.40 13.33 -9.26
CA ILE A 223 -20.02 14.46 -8.37
C ILE A 223 -20.89 14.43 -7.10
N GLU A 224 -22.10 13.89 -7.18
CA GLU A 224 -23.00 13.70 -6.00
C GLU A 224 -22.31 12.77 -5.01
N GLU A 225 -21.88 11.61 -5.51
CA GLU A 225 -21.31 10.52 -4.66
C GLU A 225 -19.99 10.99 -4.05
N VAL A 226 -19.15 11.68 -4.83
CA VAL A 226 -17.94 12.36 -4.32
C VAL A 226 -18.40 13.34 -3.24
N GLY A 227 -19.35 14.20 -3.65
CA GLY A 227 -19.93 15.29 -2.83
C GLY A 227 -20.42 14.77 -1.50
N ASN A 228 -21.12 13.65 -1.51
CA ASN A 228 -21.66 13.05 -0.25
C ASN A 228 -20.54 12.49 0.62
N ALA A 229 -19.48 11.94 0.02
CA ALA A 229 -18.28 11.47 0.77
C ALA A 229 -17.57 12.66 1.41
N ALA A 230 -17.38 13.76 0.67
CA ALA A 230 -16.74 15.02 1.17
C ALA A 230 -17.53 15.63 2.33
N LEU A 231 -18.88 15.53 2.32
CA LEU A 231 -19.76 15.96 3.44
C LEU A 231 -19.41 15.15 4.70
N PHE A 232 -19.33 13.83 4.58
CA PHE A 232 -19.05 12.92 5.73
C PHE A 232 -17.69 13.26 6.34
N LEU A 233 -16.68 13.53 5.51
CA LEU A 233 -15.29 13.79 5.99
C LEU A 233 -15.18 15.19 6.60
N CYS A 234 -16.11 16.11 6.29
CA CYS A 234 -16.19 17.50 6.86
C CYS A 234 -17.10 17.58 8.10
N SER A 235 -17.55 16.46 8.68
CA SER A 235 -18.61 16.42 9.72
C SER A 235 -18.10 15.85 11.04
N PRO A 236 -18.93 15.89 12.12
CA PRO A 236 -18.56 15.24 13.39
C PRO A 236 -18.52 13.71 13.28
N TRP A 237 -19.16 13.15 12.24
CA TRP A 237 -19.15 11.69 11.98
C TRP A 237 -17.76 11.18 11.57
N ALA A 238 -16.86 12.06 11.11
CA ALA A 238 -15.49 11.70 10.71
C ALA A 238 -14.45 12.34 11.64
N SER A 239 -14.85 12.69 12.86
CA SER A 239 -13.94 13.28 13.89
C SER A 239 -12.80 12.32 14.25
N GLY A 240 -13.03 11.00 14.17
CA GLY A 240 -11.99 9.99 14.46
C GLY A 240 -11.10 9.68 13.27
N ILE A 241 -11.14 10.48 12.20
CA ILE A 241 -10.46 10.18 10.92
C ILE A 241 -9.58 11.37 10.51
N THR A 242 -8.27 11.14 10.44
CA THR A 242 -7.37 12.09 9.73
C THR A 242 -6.24 11.33 9.03
N GLY A 243 -5.75 11.91 7.93
CA GLY A 243 -4.69 11.33 7.09
C GLY A 243 -5.19 10.24 6.16
N GLU A 244 -6.51 10.04 6.06
CA GLU A 244 -7.12 8.97 5.23
C GLU A 244 -7.12 9.42 3.77
N ILE A 245 -6.95 8.48 2.85
CA ILE A 245 -7.29 8.63 1.41
C ILE A 245 -8.48 7.71 1.18
N LEU A 246 -9.66 8.31 1.03
CA LEU A 246 -10.93 7.58 0.86
C LEU A 246 -11.17 7.44 -0.64
N TYR A 247 -11.19 6.21 -1.14
CA TYR A 247 -11.45 5.92 -2.57
C TYR A 247 -12.97 5.97 -2.80
N VAL A 248 -13.38 6.92 -3.64
CA VAL A 248 -14.75 6.97 -4.22
C VAL A 248 -14.57 6.80 -5.74
N ASP A 249 -14.54 5.53 -6.16
CA ASP A 249 -14.26 5.16 -7.58
C ASP A 249 -15.01 3.87 -7.95
N ALA A 250 -16.07 3.56 -7.21
CA ALA A 250 -16.87 2.32 -7.33
C ALA A 250 -15.99 1.06 -7.23
N GLY A 251 -14.81 1.14 -6.58
CA GLY A 251 -13.99 -0.05 -6.27
C GLY A 251 -12.98 -0.41 -7.36
N PHE A 252 -12.77 0.45 -8.35
CA PHE A 252 -11.79 0.21 -9.45
C PHE A 252 -10.38 -0.12 -8.89
N ASN A 253 -9.99 0.53 -7.80
CA ASN A 253 -8.65 0.38 -7.16
C ASN A 253 -8.42 -1.04 -6.61
N THR A 254 -9.47 -1.84 -6.44
CA THR A 254 -9.36 -3.18 -5.81
C THR A 254 -9.12 -4.30 -6.83
N VAL A 255 -9.22 -3.98 -8.12
CA VAL A 255 -9.25 -4.99 -9.22
C VAL A 255 -7.93 -4.94 -9.98
N GLY A 256 -7.19 -6.05 -9.91
CA GLY A 256 -5.96 -6.24 -10.69
C GLY A 256 -6.25 -6.58 -12.14
N MET A 257 -7.35 -7.27 -12.42
CA MET A 257 -7.64 -7.81 -13.76
C MET A 257 -9.10 -8.25 -13.82
N SER A 258 -9.83 -7.73 -14.81
CA SER A 258 -11.30 -7.90 -14.92
C SER A 258 -11.65 -8.81 -16.09
N GLN A 259 -12.74 -9.58 -15.95
CA GLN A 259 -13.30 -10.46 -17.02
C GLN A 259 -13.49 -9.63 -18.30
N SER A 260 -12.71 -9.93 -19.33
CA SER A 260 -12.55 -9.10 -20.55
C SER A 260 -11.93 -7.75 -20.17
N GLN B 1 -36.83 13.10 10.09
CA GLN B 1 -36.31 11.76 9.71
C GLN B 1 -34.78 11.75 9.71
N GLY B 2 -34.20 10.61 10.12
CA GLY B 2 -32.76 10.30 10.05
C GLY B 2 -32.36 9.63 8.75
N LEU B 3 -31.06 9.57 8.49
CA LEU B 3 -30.45 9.20 7.17
C LEU B 3 -30.88 7.80 6.70
N LEU B 4 -31.22 6.88 7.61
CA LEU B 4 -31.57 5.48 7.26
C LEU B 4 -33.03 5.20 7.59
N ALA B 5 -33.90 6.17 7.33
CA ALA B 5 -35.35 6.07 7.60
C ALA B 5 -35.89 4.80 6.92
N GLY B 6 -36.54 3.93 7.70
CA GLY B 6 -37.20 2.71 7.20
C GLY B 6 -36.23 1.82 6.45
N LYS B 7 -35.07 1.56 7.07
CA LYS B 7 -34.04 0.62 6.57
C LYS B 7 -33.88 -0.50 7.59
N ARG B 8 -33.41 -1.66 7.13
CA ARG B 8 -33.25 -2.86 7.98
C ARG B 8 -31.79 -3.27 8.04
N PHE B 9 -31.29 -3.57 9.25
CA PHE B 9 -29.87 -3.95 9.48
C PHE B 9 -29.75 -5.07 10.50
N LEU B 10 -29.18 -6.20 10.07
CA LEU B 10 -28.68 -7.25 10.98
C LEU B 10 -27.30 -6.84 11.53
N ILE B 11 -27.06 -7.12 12.82
CA ILE B 11 -25.80 -6.78 13.53
C ILE B 11 -25.31 -8.03 14.25
N ALA B 12 -24.30 -8.67 13.67
CA ALA B 12 -23.61 -9.84 14.26
C ALA B 12 -22.51 -9.36 15.21
N GLY B 13 -22.56 -9.82 16.46
CA GLY B 13 -21.44 -9.67 17.42
C GLY B 13 -21.64 -8.52 18.40
N VAL B 14 -22.73 -8.58 19.18
CA VAL B 14 -23.03 -7.61 20.28
C VAL B 14 -23.04 -8.34 21.62
N ALA B 15 -21.93 -8.26 22.36
CA ALA B 15 -21.73 -8.97 23.65
C ALA B 15 -22.05 -8.04 24.83
N SER B 16 -21.59 -6.80 24.78
CA SER B 16 -21.81 -5.80 25.86
C SER B 16 -22.07 -4.41 25.28
N LYS B 17 -22.27 -3.44 26.17
CA LYS B 17 -22.47 -2.01 25.82
C LYS B 17 -21.15 -1.34 25.42
N LEU B 18 -19.99 -1.94 25.73
CA LEU B 18 -18.68 -1.34 25.31
C LEU B 18 -18.36 -1.73 23.85
N SER B 19 -18.94 -2.81 23.32
CA SER B 19 -18.64 -3.36 21.96
C SER B 19 -18.56 -2.26 20.90
N ILE B 20 -17.81 -2.54 19.83
CA ILE B 20 -17.82 -1.69 18.60
C ILE B 20 -19.26 -1.73 18.08
N ALA B 21 -19.77 -2.95 17.89
CA ALA B 21 -21.11 -3.23 17.32
C ALA B 21 -22.22 -2.50 18.08
N TYR B 22 -22.10 -2.34 19.41
CA TYR B 22 -23.08 -1.55 20.20
C TYR B 22 -23.01 -0.11 19.71
N GLY B 23 -21.79 0.42 19.58
CA GLY B 23 -21.56 1.76 19.00
C GLY B 23 -22.13 1.85 17.60
N ILE B 24 -22.06 0.78 16.82
CA ILE B 24 -22.62 0.78 15.43
C ILE B 24 -24.15 0.70 15.52
N ALA B 25 -24.68 -0.11 16.44
CA ALA B 25 -26.15 -0.28 16.64
C ALA B 25 -26.78 1.06 17.01
N GLN B 26 -26.22 1.73 18.03
CA GLN B 26 -26.63 3.11 18.42
C GLN B 26 -26.77 3.98 17.18
N ALA B 27 -25.67 4.21 16.46
CA ALA B 27 -25.58 5.21 15.37
C ALA B 27 -26.67 4.94 14.34
N LEU B 28 -26.78 3.71 13.87
CA LEU B 28 -27.74 3.35 12.78
C LEU B 28 -29.16 3.63 13.26
N HIS B 29 -29.48 3.18 14.48
CA HIS B 29 -30.80 3.36 15.15
C HIS B 29 -31.13 4.85 15.27
N ARG B 30 -30.19 5.63 15.80
CA ARG B 30 -30.21 7.11 15.85
C ARG B 30 -30.74 7.67 14.53
N GLU B 31 -30.29 7.16 13.38
CA GLU B 31 -30.73 7.63 12.03
C GLU B 31 -31.90 6.80 11.49
N GLY B 32 -32.71 6.22 12.39
CA GLY B 32 -34.00 5.60 12.05
C GLY B 32 -33.86 4.29 11.30
N ALA B 33 -32.89 3.46 11.67
CA ALA B 33 -32.75 2.08 11.15
C ALA B 33 -33.60 1.16 12.00
N GLU B 34 -33.97 -0.01 11.45
CA GLU B 34 -34.66 -1.10 12.20
C GLU B 34 -33.71 -2.28 12.28
N LEU B 35 -33.28 -2.62 13.49
CA LEU B 35 -32.18 -3.58 13.72
C LEU B 35 -32.72 -4.99 13.94
N ALA B 36 -32.01 -5.98 13.40
CA ALA B 36 -32.05 -7.39 13.84
C ALA B 36 -30.72 -7.69 14.55
N PHE B 37 -30.68 -8.76 15.33
CA PHE B 37 -29.49 -9.13 16.11
C PHE B 37 -29.33 -10.64 16.15
N THR B 38 -28.11 -11.11 15.91
CA THR B 38 -27.72 -12.51 16.14
C THR B 38 -27.06 -12.61 17.50
N TYR B 39 -27.09 -13.81 18.09
CA TYR B 39 -26.29 -14.14 19.28
C TYR B 39 -25.52 -15.43 19.01
N PRO B 40 -24.28 -15.54 19.54
CA PRO B 40 -23.45 -16.72 19.28
C PRO B 40 -23.89 -17.98 20.04
N ASN B 41 -24.29 -17.84 21.30
CA ASN B 41 -24.49 -18.99 22.23
C ASN B 41 -25.57 -18.66 23.27
N GLU B 42 -26.19 -19.71 23.83
CA GLU B 42 -27.36 -19.61 24.74
C GLU B 42 -27.04 -18.72 25.95
N LYS B 43 -25.80 -18.74 26.43
CA LYS B 43 -25.40 -17.93 27.62
C LYS B 43 -25.62 -16.45 27.33
N LEU B 44 -25.40 -16.02 26.07
CA LEU B 44 -25.48 -14.60 25.65
C LEU B 44 -26.93 -14.16 25.42
N LYS B 45 -27.86 -15.11 25.22
CA LYS B 45 -29.25 -14.86 24.74
C LYS B 45 -29.96 -13.75 25.54
N LYS B 46 -30.07 -13.90 26.86
CA LYS B 46 -30.81 -12.95 27.73
C LYS B 46 -30.23 -11.54 27.59
N ARG B 47 -28.90 -11.40 27.56
CA ARG B 47 -28.24 -10.06 27.43
C ARG B 47 -28.54 -9.47 26.04
N VAL B 48 -28.51 -10.27 24.98
CA VAL B 48 -28.76 -9.77 23.59
C VAL B 48 -30.23 -9.34 23.46
N ASP B 49 -31.14 -10.03 24.15
CA ASP B 49 -32.59 -9.69 24.20
C ASP B 49 -32.77 -8.32 24.87
N GLU B 50 -32.00 -8.07 25.93
CA GLU B 50 -32.00 -6.77 26.67
C GLU B 50 -31.46 -5.66 25.78
N PHE B 51 -30.38 -5.95 25.04
CA PHE B 51 -29.75 -4.99 24.09
C PHE B 51 -30.70 -4.75 22.92
N ALA B 52 -31.39 -5.79 22.46
CA ALA B 52 -32.33 -5.69 21.32
C ALA B 52 -33.43 -4.70 21.66
N GLU B 53 -34.06 -4.87 22.83
CA GLU B 53 -35.17 -4.03 23.35
C GLU B 53 -34.71 -2.57 23.48
N GLN B 54 -33.51 -2.35 24.01
CA GLN B 54 -32.89 -0.99 24.13
C GLN B 54 -32.92 -0.28 22.78
N PHE B 55 -32.90 -1.03 21.67
CA PHE B 55 -33.01 -0.49 20.29
C PHE B 55 -34.40 -0.77 19.70
N GLY B 56 -35.43 -0.86 20.56
CA GLY B 56 -36.79 -1.24 20.18
C GLY B 56 -36.81 -2.38 19.17
N SER B 57 -36.13 -3.50 19.46
CA SER B 57 -36.02 -4.66 18.55
C SER B 57 -36.48 -5.96 19.22
N LYS B 58 -37.18 -6.80 18.44
CA LYS B 58 -37.67 -8.14 18.88
C LYS B 58 -37.34 -9.17 17.78
N LEU B 59 -36.17 -9.02 17.15
CA LEU B 59 -35.69 -9.88 16.04
C LEU B 59 -34.28 -10.40 16.37
N VAL B 60 -34.21 -11.33 17.32
CA VAL B 60 -32.95 -11.93 17.85
C VAL B 60 -32.85 -13.37 17.33
N PHE B 61 -31.66 -13.83 16.94
CA PHE B 61 -31.50 -15.20 16.38
C PHE B 61 -30.16 -15.83 16.78
N PRO B 62 -30.15 -17.14 17.16
CA PRO B 62 -28.89 -17.84 17.41
C PRO B 62 -28.12 -18.18 16.13
N CYS B 63 -26.89 -17.67 16.04
CA CYS B 63 -25.96 -17.86 14.89
C CYS B 63 -24.52 -17.99 15.40
N ASP B 64 -24.06 -19.22 15.59
CA ASP B 64 -22.63 -19.51 15.86
C ASP B 64 -21.95 -19.77 14.51
N VAL B 65 -21.16 -18.79 14.04
CA VAL B 65 -20.58 -18.81 12.66
C VAL B 65 -19.59 -19.97 12.47
N ALA B 66 -19.19 -20.64 13.57
CA ALA B 66 -18.38 -21.88 13.51
C ALA B 66 -19.19 -23.00 12.84
N VAL B 67 -20.53 -22.95 12.96
CA VAL B 67 -21.47 -23.94 12.36
C VAL B 67 -22.08 -23.36 11.08
N ASP B 68 -22.15 -24.17 10.02
CA ASP B 68 -22.80 -23.80 8.74
C ASP B 68 -24.30 -23.66 8.95
N ALA B 69 -24.95 -24.71 9.46
CA ALA B 69 -26.43 -24.83 9.59
C ALA B 69 -27.05 -23.71 10.44
N GLU B 70 -26.29 -23.12 11.36
CA GLU B 70 -26.77 -21.98 12.20
C GLU B 70 -26.81 -20.72 11.33
N ILE B 71 -25.80 -20.53 10.47
CA ILE B 71 -25.73 -19.40 9.50
C ILE B 71 -26.93 -19.48 8.53
N ASP B 72 -27.17 -20.65 7.95
CA ASP B 72 -28.28 -20.89 7.00
C ASP B 72 -29.62 -20.58 7.67
N ASN B 73 -29.87 -21.20 8.83
CA ASN B 73 -31.15 -21.06 9.56
C ASN B 73 -31.38 -19.60 9.98
N ALA B 74 -30.38 -18.98 10.62
CA ALA B 74 -30.46 -17.61 11.17
C ALA B 74 -30.91 -16.59 10.13
N PHE B 75 -30.64 -16.83 8.84
CA PHE B 75 -31.05 -15.94 7.71
C PHE B 75 -32.36 -16.44 7.08
N ALA B 76 -32.65 -17.74 7.19
CA ALA B 76 -33.96 -18.33 6.81
C ALA B 76 -35.01 -17.93 7.83
N GLU B 77 -34.64 -17.87 9.12
CA GLU B 77 -35.49 -17.32 10.21
C GLU B 77 -35.72 -15.82 10.01
N LEU B 78 -34.72 -15.07 9.54
CA LEU B 78 -34.86 -13.61 9.29
C LEU B 78 -35.75 -13.39 8.06
N ALA B 79 -35.62 -14.24 7.04
CA ALA B 79 -36.41 -14.16 5.77
C ALA B 79 -37.92 -14.29 6.04
N LYS B 80 -38.32 -14.92 7.14
CA LYS B 80 -39.74 -14.94 7.60
C LYS B 80 -40.18 -13.52 7.98
N HIS B 81 -39.38 -12.82 8.80
CA HIS B 81 -39.77 -11.52 9.41
C HIS B 81 -39.61 -10.34 8.45
N TRP B 82 -38.54 -10.34 7.65
CA TRP B 82 -38.16 -9.26 6.70
C TRP B 82 -38.09 -9.86 5.30
N ASP B 83 -38.66 -9.19 4.30
CA ASP B 83 -38.63 -9.64 2.88
C ASP B 83 -37.39 -9.08 2.17
N GLY B 84 -36.61 -8.22 2.83
CA GLY B 84 -35.33 -7.68 2.31
C GLY B 84 -34.48 -7.07 3.43
N VAL B 85 -33.21 -6.75 3.15
CA VAL B 85 -32.31 -6.07 4.14
C VAL B 85 -31.29 -5.13 3.47
N ASP B 86 -31.08 -3.98 4.11
CA ASP B 86 -30.26 -2.84 3.58
C ASP B 86 -28.77 -3.02 3.93
N GLY B 87 -28.48 -3.59 5.09
CA GLY B 87 -27.10 -4.01 5.40
C GLY B 87 -27.00 -5.09 6.45
N VAL B 88 -25.97 -5.91 6.31
CA VAL B 88 -25.49 -6.85 7.36
C VAL B 88 -24.15 -6.33 7.86
N VAL B 89 -23.99 -6.23 9.17
CA VAL B 89 -22.71 -5.80 9.80
C VAL B 89 -22.10 -7.01 10.50
N HIS B 90 -21.00 -7.51 9.94
CA HIS B 90 -20.13 -8.54 10.55
C HIS B 90 -19.19 -7.83 11.53
N SER B 91 -19.28 -8.14 12.81
CA SER B 91 -18.39 -7.56 13.85
C SER B 91 -17.98 -8.67 14.80
N ILE B 92 -17.38 -9.69 14.20
CA ILE B 92 -16.99 -10.96 14.88
C ILE B 92 -15.50 -11.18 14.65
N GLY B 93 -14.87 -11.82 15.63
CA GLY B 93 -13.45 -12.17 15.59
C GLY B 93 -13.08 -12.90 16.85
N PHE B 94 -12.13 -13.82 16.73
CA PHE B 94 -11.69 -14.64 17.87
C PHE B 94 -10.31 -15.21 17.55
N ALA B 95 -9.55 -15.48 18.60
CA ALA B 95 -8.36 -16.35 18.57
C ALA B 95 -8.25 -16.99 19.94
N PRO B 96 -7.78 -18.24 20.04
CA PRO B 96 -7.41 -18.80 21.34
C PRO B 96 -6.37 -17.90 22.01
N ALA B 97 -6.51 -17.71 23.32
CA ALA B 97 -5.63 -16.81 24.11
C ALA B 97 -4.17 -17.21 23.89
N HIS B 98 -3.86 -18.51 23.94
CA HIS B 98 -2.48 -19.05 23.87
C HIS B 98 -1.75 -18.61 22.59
N THR B 99 -2.47 -18.37 21.49
CA THR B 99 -1.90 -17.87 20.21
C THR B 99 -1.69 -16.35 20.25
N LEU B 100 -2.41 -15.65 21.11
CA LEU B 100 -2.24 -14.18 21.30
C LEU B 100 -1.16 -13.85 22.34
N ASP B 101 -0.90 -14.72 23.32
CA ASP B 101 0.10 -14.45 24.38
C ASP B 101 1.48 -14.95 23.94
N GLY B 102 2.33 -14.05 23.46
CA GLY B 102 3.79 -14.27 23.39
C GLY B 102 4.38 -13.97 22.02
N ASP B 103 5.34 -14.81 21.62
CA ASP B 103 6.09 -14.72 20.35
C ASP B 103 5.42 -15.60 19.29
N PHE B 104 5.25 -15.05 18.09
CA PHE B 104 4.40 -15.57 16.99
C PHE B 104 4.80 -16.99 16.57
N THR B 105 6.09 -17.23 16.33
CA THR B 105 6.61 -18.52 15.80
C THR B 105 6.30 -19.73 16.71
N ASP B 106 6.48 -19.61 18.03
CA ASP B 106 6.31 -20.78 18.96
C ASP B 106 4.81 -21.05 19.21
N VAL B 107 4.02 -20.00 19.46
CA VAL B 107 2.62 -20.12 19.96
C VAL B 107 1.62 -20.31 18.81
N THR B 108 1.98 -19.94 17.58
CA THR B 108 1.07 -20.05 16.42
C THR B 108 1.03 -21.52 15.97
N ASP B 109 0.11 -22.29 16.53
CA ASP B 109 -0.06 -23.72 16.18
C ASP B 109 -1.22 -23.89 15.19
N ARG B 110 -1.27 -25.05 14.55
CA ARG B 110 -2.21 -25.32 13.43
C ARG B 110 -3.63 -25.03 13.89
N ASP B 111 -4.04 -25.66 14.99
CA ASP B 111 -5.45 -25.63 15.42
C ASP B 111 -5.87 -24.19 15.79
N GLY B 112 -4.99 -23.42 16.42
CA GLY B 112 -5.27 -22.01 16.79
C GLY B 112 -5.32 -21.11 15.56
N PHE B 113 -4.44 -21.36 14.59
CA PHE B 113 -4.44 -20.70 13.27
C PHE B 113 -5.78 -20.98 12.59
N LYS B 114 -6.19 -22.24 12.64
CA LYS B 114 -7.36 -22.73 11.88
C LYS B 114 -8.63 -22.07 12.42
N ILE B 115 -8.68 -21.83 13.72
CA ILE B 115 -9.85 -21.21 14.40
C ILE B 115 -9.83 -19.71 14.08
N ALA B 116 -8.71 -19.06 14.33
CA ALA B 116 -8.53 -17.62 14.03
C ALA B 116 -9.15 -17.29 12.67
N HIS B 117 -8.77 -18.03 11.63
CA HIS B 117 -9.17 -17.76 10.24
C HIS B 117 -10.63 -18.14 10.01
N ASP B 118 -11.11 -19.21 10.66
CA ASP B 118 -12.49 -19.73 10.51
C ASP B 118 -13.49 -18.70 11.02
N ILE B 119 -13.33 -18.24 12.26
CA ILE B 119 -14.31 -17.32 12.92
C ILE B 119 -14.13 -15.90 12.38
N SER B 120 -12.89 -15.47 12.18
CA SER B 120 -12.56 -14.04 11.91
C SER B 120 -12.60 -13.72 10.42
N ALA B 121 -12.36 -14.68 9.52
CA ALA B 121 -12.26 -14.41 8.06
C ALA B 121 -13.35 -15.13 7.27
N TYR B 122 -13.56 -16.43 7.50
CA TYR B 122 -14.53 -17.22 6.70
C TYR B 122 -15.98 -16.93 7.11
N SER B 123 -16.24 -16.58 8.36
CA SER B 123 -17.60 -16.24 8.82
C SER B 123 -18.18 -15.18 7.87
N PHE B 124 -17.37 -14.17 7.55
CA PHE B 124 -17.81 -13.01 6.73
C PHE B 124 -18.25 -13.49 5.34
N VAL B 125 -17.51 -14.43 4.75
CA VAL B 125 -17.83 -14.97 3.39
C VAL B 125 -19.07 -15.85 3.51
N ALA B 126 -19.14 -16.68 4.54
CA ALA B 126 -20.31 -17.52 4.86
C ALA B 126 -21.55 -16.64 5.01
N MET B 127 -21.50 -15.66 5.91
CA MET B 127 -22.60 -14.69 6.18
C MET B 127 -23.00 -13.94 4.90
N ALA B 128 -22.05 -13.63 4.03
CA ALA B 128 -22.33 -12.88 2.78
C ALA B 128 -23.16 -13.74 1.82
N ARG B 129 -22.92 -15.04 1.80
CA ARG B 129 -23.71 -15.98 0.98
C ARG B 129 -25.12 -16.05 1.56
N ALA B 130 -25.23 -16.35 2.86
CA ALA B 130 -26.53 -16.53 3.56
C ALA B 130 -27.34 -15.23 3.60
N ALA B 131 -26.76 -14.07 3.26
CA ALA B 131 -27.48 -12.77 3.20
C ALA B 131 -27.81 -12.39 1.75
N LYS B 132 -27.04 -12.89 0.79
CA LYS B 132 -27.06 -12.44 -0.64
C LYS B 132 -28.49 -12.28 -1.15
N PRO B 133 -29.37 -13.32 -1.05
CA PRO B 133 -30.80 -13.16 -1.28
C PRO B 133 -31.46 -11.90 -0.66
N LEU B 134 -31.51 -11.81 0.67
CA LEU B 134 -32.21 -10.68 1.36
C LEU B 134 -31.50 -9.35 1.05
N LEU B 135 -30.21 -9.38 0.70
CA LEU B 135 -29.46 -8.15 0.29
C LEU B 135 -29.84 -7.76 -1.13
N GLN B 136 -29.92 -8.74 -2.04
CA GLN B 136 -30.32 -8.53 -3.47
C GLN B 136 -31.66 -7.78 -3.52
N ALA B 137 -32.57 -8.10 -2.59
CA ALA B 137 -33.89 -7.46 -2.43
C ALA B 137 -33.74 -5.94 -2.43
N ARG B 138 -32.99 -5.37 -1.49
CA ARG B 138 -32.88 -3.89 -1.34
C ARG B 138 -31.55 -3.33 -1.90
N GLN B 139 -30.83 -4.09 -2.75
CA GLN B 139 -29.40 -3.85 -3.10
C GLN B 139 -28.67 -3.41 -1.83
N GLY B 140 -28.61 -4.29 -0.83
CA GLY B 140 -28.05 -4.01 0.50
C GLY B 140 -26.54 -4.05 0.48
N CYS B 141 -25.92 -3.88 1.65
CA CYS B 141 -24.43 -3.77 1.78
C CYS B 141 -23.90 -4.63 2.93
N LEU B 142 -22.58 -4.86 2.91
CA LEU B 142 -21.86 -5.57 3.99
C LEU B 142 -20.83 -4.64 4.65
N LEU B 143 -20.67 -4.78 5.96
CA LEU B 143 -19.60 -4.09 6.71
C LEU B 143 -18.91 -5.05 7.67
N THR B 144 -17.58 -5.04 7.67
CA THR B 144 -16.81 -5.77 8.70
C THR B 144 -15.77 -4.84 9.35
N LEU B 145 -15.35 -5.23 10.55
CA LEU B 145 -14.26 -4.57 11.27
C LEU B 145 -12.95 -5.33 11.02
N THR B 146 -11.88 -4.59 10.84
CA THR B 146 -10.52 -5.14 10.73
C THR B 146 -9.58 -4.26 11.55
N TYR B 147 -8.32 -4.68 11.62
CA TYR B 147 -7.27 -4.02 12.41
C TYR B 147 -5.98 -3.97 11.61
N GLN B 148 -5.26 -2.86 11.70
CA GLN B 148 -4.08 -2.60 10.86
C GLN B 148 -2.91 -3.53 11.23
N GLY B 149 -3.01 -4.27 12.34
CA GLY B 149 -2.16 -5.44 12.63
C GLY B 149 -2.02 -6.39 11.45
N SER B 150 -2.86 -6.25 10.43
CA SER B 150 -2.80 -7.06 9.18
C SER B 150 -1.77 -6.49 8.22
N GLU B 151 -1.75 -5.18 8.03
CA GLU B 151 -0.78 -4.54 7.12
C GLU B 151 0.60 -4.43 7.78
N ARG B 152 0.69 -4.29 9.10
CA ARG B 152 1.96 -4.02 9.83
C ARG B 152 1.94 -4.69 11.21
N VAL B 153 3.11 -4.94 11.78
CA VAL B 153 3.23 -5.85 12.97
C VAL B 153 2.88 -5.05 14.22
N MET B 154 2.09 -5.67 15.06
CA MET B 154 1.63 -5.07 16.33
C MET B 154 1.88 -6.11 17.41
N PRO B 155 2.36 -5.68 18.59
CA PRO B 155 2.78 -6.65 19.59
C PRO B 155 1.58 -7.55 19.93
N ASN B 156 1.84 -8.84 20.08
CA ASN B 156 0.89 -9.86 20.63
C ASN B 156 -0.24 -10.20 19.64
N TYR B 157 -0.44 -9.42 18.58
CA TYR B 157 -1.62 -9.60 17.70
C TYR B 157 -1.51 -10.98 17.05
N ASN B 158 -0.39 -11.21 16.37
CA ASN B 158 0.08 -12.56 15.94
C ASN B 158 -0.91 -13.12 14.91
N VAL B 159 -1.56 -14.24 15.21
CA VAL B 159 -2.29 -15.05 14.20
C VAL B 159 -3.52 -14.27 13.73
N MET B 160 -4.04 -13.39 14.58
CA MET B 160 -5.11 -12.44 14.19
C MET B 160 -4.65 -11.57 13.01
N GLY B 161 -3.39 -11.13 12.99
CA GLY B 161 -2.87 -10.27 11.91
C GLY B 161 -3.01 -10.95 10.56
N MET B 162 -2.86 -12.27 10.55
CA MET B 162 -3.02 -13.08 9.32
C MET B 162 -4.52 -13.21 9.00
N ALA B 163 -5.34 -13.67 9.96
CA ALA B 163 -6.80 -13.84 9.78
C ALA B 163 -7.46 -12.50 9.40
N LYS B 164 -6.96 -11.38 9.90
CA LYS B 164 -7.45 -10.02 9.52
C LYS B 164 -7.00 -9.66 8.09
N ALA B 165 -5.84 -10.14 7.64
CA ALA B 165 -5.34 -9.87 6.27
C ALA B 165 -6.15 -10.69 5.28
N SER B 166 -6.45 -11.93 5.65
CA SER B 166 -7.37 -12.83 4.90
C SER B 166 -8.74 -12.16 4.73
N LEU B 167 -9.27 -11.63 5.81
CA LEU B 167 -10.61 -10.97 5.82
C LEU B 167 -10.61 -9.72 4.92
N GLU B 168 -9.57 -8.89 4.93
CA GLU B 168 -9.52 -7.67 4.08
C GLU B 168 -9.42 -8.07 2.60
N ALA B 169 -8.67 -9.10 2.25
CA ALA B 169 -8.63 -9.58 0.85
C ALA B 169 -10.04 -10.10 0.52
N GLY B 170 -10.62 -10.87 1.43
CA GLY B 170 -12.00 -11.39 1.37
C GLY B 170 -13.05 -10.31 1.14
N VAL B 171 -12.87 -9.11 1.70
CA VAL B 171 -13.74 -7.92 1.43
C VAL B 171 -13.67 -7.55 -0.06
N ARG B 172 -12.46 -7.44 -0.61
CA ARG B 172 -12.25 -7.07 -2.04
C ARG B 172 -12.85 -8.12 -2.97
N TYR B 173 -12.85 -9.41 -2.59
CA TYR B 173 -13.35 -10.53 -3.44
C TYR B 173 -14.87 -10.55 -3.40
N LEU B 174 -15.46 -10.41 -2.22
CA LEU B 174 -16.93 -10.21 -2.05
C LEU B 174 -17.40 -9.00 -2.86
N ALA B 175 -16.65 -7.91 -2.82
CA ALA B 175 -16.99 -6.63 -3.51
C ALA B 175 -17.11 -6.85 -5.03
N SER B 176 -16.11 -7.49 -5.64
CA SER B 176 -16.10 -7.79 -7.10
C SER B 176 -17.23 -8.77 -7.44
N SER B 177 -17.35 -9.84 -6.66
CA SER B 177 -18.35 -10.91 -6.87
C SER B 177 -19.78 -10.34 -6.77
N LEU B 178 -20.07 -9.61 -5.70
CA LEU B 178 -21.44 -9.11 -5.41
C LEU B 178 -21.65 -7.71 -6.01
N GLY B 179 -20.72 -7.21 -6.81
CA GLY B 179 -20.78 -5.82 -7.30
C GLY B 179 -21.91 -5.65 -8.29
N VAL B 180 -22.00 -6.59 -9.24
CA VAL B 180 -22.99 -6.62 -10.36
C VAL B 180 -24.44 -6.56 -9.82
N ASP B 181 -24.73 -7.16 -8.64
CA ASP B 181 -26.07 -7.10 -7.99
C ASP B 181 -26.34 -5.72 -7.34
N GLY B 182 -25.37 -4.80 -7.31
CA GLY B 182 -25.51 -3.48 -6.65
C GLY B 182 -25.09 -3.48 -5.19
N ILE B 183 -24.67 -4.63 -4.66
CA ILE B 183 -24.20 -4.75 -3.24
C ILE B 183 -22.79 -4.20 -3.11
N ARG B 184 -22.58 -3.42 -2.05
CA ARG B 184 -21.27 -2.83 -1.73
C ARG B 184 -20.73 -3.59 -0.53
N VAL B 185 -19.44 -3.91 -0.58
CA VAL B 185 -18.73 -4.57 0.54
C VAL B 185 -17.59 -3.65 0.95
N ASN B 186 -17.50 -3.37 2.23
CA ASN B 186 -16.54 -2.41 2.81
C ASN B 186 -16.16 -2.89 4.20
N ALA B 187 -15.10 -2.32 4.74
CA ALA B 187 -14.67 -2.55 6.13
C ALA B 187 -14.17 -1.27 6.78
N ILE B 188 -14.17 -1.27 8.11
CA ILE B 188 -13.49 -0.23 8.91
C ILE B 188 -12.33 -0.89 9.64
N SER B 189 -11.16 -0.27 9.59
CA SER B 189 -10.00 -0.60 10.45
C SER B 189 -10.01 0.35 11.64
N ALA B 190 -10.36 -0.15 12.82
CA ALA B 190 -10.48 0.69 14.03
C ALA B 190 -9.14 0.73 14.78
N GLY B 191 -8.81 1.89 15.33
CA GLY B 191 -7.72 2.03 16.31
C GLY B 191 -8.07 1.23 17.55
N PRO B 192 -7.12 1.02 18.48
CA PRO B 192 -7.46 0.35 19.74
C PRO B 192 -8.54 1.11 20.53
N ILE B 193 -9.54 0.37 21.02
CA ILE B 193 -10.58 0.87 21.95
C ILE B 193 -10.78 -0.18 23.04
N ARG B 194 -11.05 0.26 24.28
CA ARG B 194 -11.29 -0.63 25.46
C ARG B 194 -12.67 -1.31 25.38
N THR B 195 -12.71 -2.62 25.11
CA THR B 195 -13.97 -3.41 24.96
C THR B 195 -13.85 -4.72 25.77
N LEU B 196 -14.53 -5.80 25.34
CA LEU B 196 -14.49 -7.12 26.04
C LEU B 196 -13.19 -7.85 25.69
N ALA B 197 -12.79 -7.87 24.41
CA ALA B 197 -11.60 -8.63 23.94
C ALA B 197 -10.30 -8.00 24.47
N ALA B 198 -10.37 -6.78 25.04
CA ALA B 198 -9.26 -6.10 25.77
C ALA B 198 -9.38 -6.25 27.29
N SER B 199 -10.48 -6.82 27.80
CA SER B 199 -10.71 -7.09 29.25
C SER B 199 -9.39 -7.52 29.91
N GLY B 200 -8.89 -6.73 30.86
CA GLY B 200 -7.74 -7.04 31.75
C GLY B 200 -6.43 -7.37 31.05
N ILE B 201 -6.31 -7.16 29.73
CA ILE B 201 -5.05 -7.39 28.97
C ILE B 201 -4.11 -6.23 29.32
N LYS B 202 -2.92 -6.52 29.86
CA LYS B 202 -2.01 -5.51 30.48
C LYS B 202 -1.18 -4.79 29.43
N SER B 203 -0.80 -5.50 28.37
CA SER B 203 -0.21 -4.95 27.12
C SER B 203 -1.07 -3.79 26.61
N PHE B 204 -2.38 -4.04 26.53
CA PHE B 204 -3.43 -3.11 26.06
C PHE B 204 -3.30 -1.71 26.66
N ARG B 205 -3.01 -1.60 27.95
CA ARG B 205 -2.86 -0.27 28.60
C ARG B 205 -1.71 0.47 27.92
N LYS B 206 -0.49 -0.08 28.01
CA LYS B 206 0.75 0.50 27.42
C LYS B 206 0.54 0.76 25.92
N MET B 207 -0.09 -0.19 25.25
CA MET B 207 -0.32 -0.15 23.78
C MET B 207 -1.29 0.99 23.44
N LEU B 208 -2.37 1.18 24.21
CA LEU B 208 -3.27 2.37 24.07
C LEU B 208 -2.49 3.64 24.38
N ASP B 209 -1.71 3.61 25.46
CA ASP B 209 -0.87 4.75 25.89
C ASP B 209 0.10 5.13 24.75
N ALA B 210 0.59 4.15 23.98
CA ALA B 210 1.48 4.40 22.82
C ALA B 210 0.68 4.99 21.66
N ASN B 211 -0.51 4.42 21.39
CA ASN B 211 -1.37 4.86 20.26
C ASN B 211 -1.77 6.33 20.49
N GLU B 212 -2.03 6.70 21.74
CA GLU B 212 -2.42 8.07 22.16
C GLU B 212 -1.29 9.05 21.86
N LYS B 213 -0.07 8.69 22.24
CA LYS B 213 1.13 9.54 22.04
C LYS B 213 1.46 9.68 20.55
N VAL B 214 1.46 8.56 19.81
CA VAL B 214 1.91 8.52 18.37
C VAL B 214 0.87 9.18 17.44
N ALA B 215 -0.43 9.03 17.69
CA ALA B 215 -1.48 9.49 16.75
C ALA B 215 -1.45 10.99 16.55
N PRO B 216 -1.72 11.47 15.31
CA PRO B 216 -1.82 12.91 15.02
C PRO B 216 -2.84 13.72 15.83
N LEU B 217 -3.99 13.15 16.19
CA LEU B 217 -5.03 13.86 17.01
C LEU B 217 -4.75 13.69 18.51
N LYS B 218 -3.68 12.97 18.86
CA LYS B 218 -3.15 12.84 20.25
C LYS B 218 -4.21 12.27 21.19
N ARG B 219 -5.01 11.34 20.71
CA ARG B 219 -6.02 10.63 21.52
C ARG B 219 -6.37 9.29 20.88
N ASN B 220 -7.03 8.46 21.66
CA ASN B 220 -7.56 7.15 21.21
C ASN B 220 -9.00 7.39 20.78
N VAL B 221 -9.46 6.69 19.75
CA VAL B 221 -10.82 6.92 19.19
C VAL B 221 -11.85 6.17 20.02
N THR B 222 -13.11 6.53 19.82
CA THR B 222 -14.27 6.08 20.65
C THR B 222 -15.19 5.21 19.79
N ILE B 223 -15.96 4.32 20.44
CA ILE B 223 -16.98 3.46 19.75
C ILE B 223 -18.00 4.35 19.04
N GLU B 224 -18.20 5.58 19.52
CA GLU B 224 -19.06 6.60 18.89
C GLU B 224 -18.56 6.86 17.46
N GLU B 225 -17.27 7.22 17.33
CA GLU B 225 -16.64 7.58 16.03
C GLU B 225 -16.58 6.38 15.07
N VAL B 226 -16.50 5.16 15.61
CA VAL B 226 -16.53 3.92 14.77
C VAL B 226 -17.97 3.69 14.33
N GLY B 227 -18.93 3.91 15.24
CA GLY B 227 -20.38 3.87 14.95
C GLY B 227 -20.76 4.81 13.82
N ASN B 228 -20.33 6.07 13.89
CA ASN B 228 -20.65 7.11 12.87
C ASN B 228 -20.00 6.77 11.51
N ALA B 229 -18.76 6.26 11.52
CA ALA B 229 -18.03 5.87 10.29
C ALA B 229 -18.72 4.67 9.64
N ALA B 230 -19.19 3.72 10.44
CA ALA B 230 -19.92 2.52 9.98
C ALA B 230 -21.21 2.95 9.29
N LEU B 231 -22.02 3.74 10.02
CA LEU B 231 -23.28 4.35 9.54
C LEU B 231 -23.07 4.91 8.13
N PHE B 232 -22.08 5.77 7.96
CA PHE B 232 -21.75 6.40 6.65
C PHE B 232 -21.63 5.31 5.56
N LEU B 233 -20.90 4.23 5.86
CA LEU B 233 -20.63 3.16 4.86
C LEU B 233 -21.88 2.30 4.66
N CYS B 234 -22.72 2.18 5.69
CA CYS B 234 -24.05 1.53 5.60
C CYS B 234 -25.12 2.42 4.95
N SER B 235 -24.78 3.65 4.52
CA SER B 235 -25.76 4.66 4.10
C SER B 235 -25.72 4.86 2.59
N PRO B 236 -26.66 5.66 2.01
CA PRO B 236 -26.57 6.05 0.61
C PRO B 236 -25.54 7.13 0.27
N TRP B 237 -24.92 7.74 1.30
CA TRP B 237 -23.78 8.67 1.10
C TRP B 237 -22.52 7.90 0.70
N ALA B 238 -22.49 6.57 0.83
CA ALA B 238 -21.30 5.75 0.48
C ALA B 238 -21.56 4.89 -0.77
N SER B 239 -22.51 5.29 -1.62
CA SER B 239 -22.97 4.49 -2.77
C SER B 239 -21.84 4.27 -3.79
N GLY B 240 -20.86 5.15 -3.85
CA GLY B 240 -19.71 5.01 -4.78
C GLY B 240 -18.51 4.31 -4.14
N ILE B 241 -18.64 3.87 -2.90
CA ILE B 241 -17.53 3.26 -2.11
C ILE B 241 -17.81 1.77 -1.89
N THR B 242 -17.14 0.92 -2.67
CA THR B 242 -17.10 -0.54 -2.43
C THR B 242 -15.64 -0.98 -2.47
N GLY B 243 -15.31 -1.99 -1.67
CA GLY B 243 -13.97 -2.59 -1.63
C GLY B 243 -13.02 -1.84 -0.71
N GLU B 244 -13.53 -0.86 0.05
CA GLU B 244 -12.69 0.12 0.79
C GLU B 244 -12.42 -0.41 2.19
N ILE B 245 -11.22 -0.12 2.70
CA ILE B 245 -10.84 -0.24 4.13
C ILE B 245 -10.71 1.19 4.63
N LEU B 246 -11.57 1.58 5.57
CA LEU B 246 -11.59 2.93 6.15
C LEU B 246 -10.95 2.87 7.53
N TYR B 247 -9.87 3.62 7.70
CA TYR B 247 -9.09 3.62 8.94
C TYR B 247 -9.74 4.67 9.83
N VAL B 248 -10.19 4.22 10.99
CA VAL B 248 -10.70 5.13 12.04
C VAL B 248 -9.80 4.90 13.25
N ASP B 249 -8.63 5.57 13.27
CA ASP B 249 -7.60 5.32 14.31
C ASP B 249 -6.83 6.60 14.67
N ALA B 250 -7.43 7.77 14.47
CA ALA B 250 -6.82 9.10 14.75
C ALA B 250 -5.71 9.45 13.76
N GLY B 251 -5.51 8.62 12.73
CA GLY B 251 -4.37 8.77 11.78
C GLY B 251 -3.11 8.07 12.25
N PHE B 252 -3.22 7.10 13.16
CA PHE B 252 -2.03 6.43 13.73
C PHE B 252 -1.25 5.70 12.64
N ASN B 253 -1.98 5.01 11.75
CA ASN B 253 -1.45 4.30 10.56
C ASN B 253 -0.51 5.20 9.73
N THR B 254 -0.77 6.51 9.63
CA THR B 254 0.00 7.43 8.75
C THR B 254 1.36 7.80 9.35
N VAL B 255 1.62 7.47 10.61
CA VAL B 255 2.86 7.93 11.31
C VAL B 255 3.93 6.84 11.22
N GLY B 256 5.09 7.18 10.66
CA GLY B 256 6.22 6.25 10.57
C GLY B 256 7.10 6.32 11.79
N MET B 257 7.27 7.51 12.35
CA MET B 257 8.16 7.75 13.51
C MET B 257 7.68 9.00 14.25
N SER B 258 7.40 8.86 15.54
CA SER B 258 6.88 9.94 16.40
C SER B 258 8.05 10.65 17.09
N GLN B 259 8.03 11.99 17.05
CA GLN B 259 8.94 12.83 17.89
C GLN B 259 8.76 12.37 19.35
N SER B 260 9.75 11.65 19.86
CA SER B 260 9.74 10.98 21.19
C SER B 260 8.67 9.87 21.22
N GLN C 1 35.69 -13.83 -13.81
CA GLN C 1 34.85 -12.61 -13.95
C GLN C 1 33.78 -12.55 -12.87
N GLY C 2 33.22 -11.35 -12.68
CA GLY C 2 32.03 -11.10 -11.85
C GLY C 2 30.79 -10.87 -12.71
N LEU C 3 29.70 -10.49 -12.05
CA LEU C 3 28.32 -10.42 -12.61
C LEU C 3 28.21 -9.40 -13.76
N LEU C 4 28.74 -8.19 -13.60
CA LEU C 4 28.54 -7.09 -14.59
C LEU C 4 29.76 -7.02 -15.50
N ALA C 5 30.03 -8.10 -16.22
CA ALA C 5 31.27 -8.30 -16.99
C ALA C 5 31.30 -7.28 -18.14
N GLY C 6 32.14 -6.25 -17.99
CA GLY C 6 32.35 -5.19 -19.01
C GLY C 6 31.07 -4.42 -19.33
N LYS C 7 30.26 -4.12 -18.31
CA LYS C 7 29.07 -3.23 -18.44
C LYS C 7 29.49 -1.80 -18.06
N ARG C 8 28.72 -0.83 -18.55
CA ARG C 8 28.98 0.60 -18.28
C ARG C 8 27.87 1.16 -17.39
N PHE C 9 28.24 2.00 -16.42
CA PHE C 9 27.31 2.59 -15.44
C PHE C 9 27.67 4.03 -15.12
N LEU C 10 26.68 4.92 -15.19
CA LEU C 10 26.82 6.33 -14.72
C LEU C 10 26.32 6.44 -13.27
N ILE C 11 27.04 7.21 -12.45
CA ILE C 11 26.73 7.45 -11.02
C ILE C 11 26.66 8.97 -10.78
N ALA C 12 25.45 9.52 -10.76
CA ALA C 12 25.22 10.94 -10.37
C ALA C 12 25.05 11.03 -8.85
N GLY C 13 25.88 11.83 -8.18
CA GLY C 13 25.68 12.22 -6.76
C GLY C 13 26.63 11.57 -5.76
N VAL C 14 27.88 11.28 -6.14
CA VAL C 14 28.94 10.86 -5.18
C VAL C 14 29.52 12.13 -4.55
N ALA C 15 29.34 12.32 -3.25
CA ALA C 15 29.77 13.56 -2.53
C ALA C 15 31.05 13.31 -1.74
N SER C 16 31.12 12.17 -1.06
CA SER C 16 32.27 11.76 -0.23
C SER C 16 32.31 10.24 -0.13
N LYS C 17 33.25 9.72 0.65
CA LYS C 17 33.41 8.27 0.91
C LYS C 17 32.20 7.70 1.67
N LEU C 18 31.38 8.57 2.30
CA LEU C 18 30.19 8.16 3.09
C LEU C 18 28.94 8.03 2.21
N SER C 19 28.92 8.60 1.00
CA SER C 19 27.71 8.62 0.13
C SER C 19 27.21 7.19 -0.14
N ILE C 20 25.94 7.06 -0.47
CA ILE C 20 25.35 5.77 -0.93
C ILE C 20 25.92 5.52 -2.33
N ALA C 21 25.86 6.56 -3.16
CA ALA C 21 26.43 6.58 -4.52
C ALA C 21 27.80 5.89 -4.53
N TYR C 22 28.75 6.38 -3.72
CA TYR C 22 30.10 5.79 -3.50
C TYR C 22 29.93 4.30 -3.20
N GLY C 23 29.20 3.99 -2.13
CA GLY C 23 28.99 2.60 -1.65
C GLY C 23 28.45 1.70 -2.74
N ILE C 24 27.52 2.21 -3.57
CA ILE C 24 26.97 1.48 -4.74
C ILE C 24 28.11 1.23 -5.72
N ALA C 25 28.70 2.32 -6.24
CA ALA C 25 29.83 2.29 -7.20
C ALA C 25 30.79 1.17 -6.81
N GLN C 26 31.26 1.19 -5.55
CA GLN C 26 32.16 0.16 -4.97
C GLN C 26 31.67 -1.24 -5.36
N ALA C 27 30.44 -1.58 -4.94
CA ALA C 27 29.85 -2.93 -5.13
C ALA C 27 29.69 -3.23 -6.62
N LEU C 28 29.44 -2.21 -7.44
CA LEU C 28 29.27 -2.36 -8.92
C LEU C 28 30.64 -2.61 -9.57
N HIS C 29 31.69 -1.92 -9.10
CA HIS C 29 33.09 -2.13 -9.58
C HIS C 29 33.55 -3.54 -9.22
N ARG C 30 33.25 -4.00 -8.00
CA ARG C 30 33.59 -5.37 -7.50
C ARG C 30 33.18 -6.43 -8.53
N GLU C 31 32.04 -6.29 -9.22
CA GLU C 31 31.56 -7.28 -10.22
C GLU C 31 31.86 -6.81 -11.66
N GLY C 32 32.94 -6.06 -11.85
CA GLY C 32 33.57 -5.85 -13.18
C GLY C 32 32.95 -4.73 -14.01
N ALA C 33 32.23 -3.80 -13.38
CA ALA C 33 31.60 -2.66 -14.09
C ALA C 33 32.66 -1.59 -14.33
N GLU C 34 32.67 -1.06 -15.56
CA GLU C 34 33.42 0.18 -15.88
C GLU C 34 32.49 1.35 -15.55
N LEU C 35 32.88 2.22 -14.64
CA LEU C 35 32.00 3.31 -14.13
C LEU C 35 32.35 4.65 -14.78
N ALA C 36 31.31 5.47 -14.95
CA ALA C 36 31.41 6.93 -15.23
C ALA C 36 30.64 7.68 -14.15
N PHE C 37 31.10 8.88 -13.83
CA PHE C 37 30.54 9.71 -12.73
C PHE C 37 30.14 11.06 -13.31
N THR C 38 29.37 11.82 -12.53
CA THR C 38 29.16 13.26 -12.74
C THR C 38 29.48 13.95 -11.44
N TYR C 39 29.66 15.27 -11.51
CA TYR C 39 29.76 16.14 -10.31
C TYR C 39 28.84 17.35 -10.49
N PRO C 40 28.36 17.92 -9.37
CA PRO C 40 27.45 19.06 -9.42
C PRO C 40 28.09 20.40 -9.80
N ASN C 41 29.04 20.87 -8.98
CA ASN C 41 29.57 22.25 -9.03
C ASN C 41 31.11 22.20 -9.03
N GLU C 42 31.73 23.36 -9.29
CA GLU C 42 33.19 23.45 -9.58
C GLU C 42 34.02 23.06 -8.34
N LYS C 43 33.47 23.22 -7.12
CA LYS C 43 34.19 22.84 -5.87
C LYS C 43 34.46 21.33 -5.86
N LEU C 44 33.42 20.53 -6.10
CA LEU C 44 33.49 19.05 -5.89
C LEU C 44 34.35 18.36 -6.95
N LYS C 45 34.68 19.02 -8.07
CA LYS C 45 35.32 18.38 -9.26
C LYS C 45 36.53 17.52 -8.87
N LYS C 46 37.51 18.12 -8.19
CA LYS C 46 38.76 17.42 -7.81
C LYS C 46 38.39 16.15 -7.04
N ARG C 47 37.71 16.31 -5.91
CA ARG C 47 37.24 15.18 -5.05
C ARG C 47 36.60 14.08 -5.91
N VAL C 48 35.77 14.42 -6.88
CA VAL C 48 35.04 13.42 -7.74
C VAL C 48 36.03 12.80 -8.73
N ASP C 49 37.00 13.57 -9.23
CA ASP C 49 38.13 13.04 -10.06
C ASP C 49 39.00 12.12 -9.19
N GLU C 50 39.26 12.53 -7.95
CA GLU C 50 40.02 11.73 -6.95
C GLU C 50 39.30 10.39 -6.70
N PHE C 51 37.97 10.40 -6.52
CA PHE C 51 37.16 9.17 -6.31
C PHE C 51 37.11 8.36 -7.60
N ALA C 52 36.84 9.01 -8.72
CA ALA C 52 36.75 8.37 -10.06
C ALA C 52 38.08 7.67 -10.40
N GLU C 53 39.19 8.25 -9.93
CA GLU C 53 40.54 7.62 -10.01
C GLU C 53 40.51 6.26 -9.26
N GLN C 54 39.95 6.21 -8.05
CA GLN C 54 39.91 5.00 -7.17
C GLN C 54 39.33 3.78 -7.90
N PHE C 55 38.41 4.00 -8.85
CA PHE C 55 37.61 2.90 -9.48
C PHE C 55 37.97 2.70 -10.95
N GLY C 56 38.98 3.41 -11.45
CA GLY C 56 39.49 3.26 -12.84
C GLY C 56 38.94 4.29 -13.80
N SER C 57 38.14 5.24 -13.32
CA SER C 57 37.39 6.17 -14.21
C SER C 57 38.16 7.49 -14.37
N LYS C 58 38.36 7.87 -15.63
CA LYS C 58 38.61 9.27 -16.04
C LYS C 58 37.36 9.82 -16.74
N LEU C 59 36.26 9.06 -16.81
CA LEU C 59 34.97 9.56 -17.36
C LEU C 59 34.24 10.33 -16.25
N VAL C 60 34.36 11.67 -16.23
CA VAL C 60 33.79 12.56 -15.17
C VAL C 60 33.31 13.86 -15.82
N PHE C 61 32.04 14.23 -15.60
CA PHE C 61 31.37 15.33 -16.34
C PHE C 61 30.62 16.28 -15.40
N PRO C 62 30.40 17.55 -15.83
CA PRO C 62 29.70 18.53 -15.02
C PRO C 62 28.20 18.47 -15.26
N CYS C 63 27.42 18.37 -14.19
CA CYS C 63 25.95 18.20 -14.30
C CYS C 63 25.25 18.69 -13.03
N ASP C 64 24.93 19.99 -13.01
CA ASP C 64 23.95 20.57 -12.08
C ASP C 64 22.57 20.22 -12.62
N VAL C 65 21.79 19.45 -11.85
CA VAL C 65 20.49 18.88 -12.33
C VAL C 65 19.42 19.97 -12.30
N ALA C 66 19.69 21.13 -11.69
CA ALA C 66 18.84 22.34 -11.77
C ALA C 66 18.84 22.92 -13.21
N VAL C 67 19.87 22.62 -14.00
CA VAL C 67 20.10 23.20 -15.37
C VAL C 67 19.91 22.13 -16.45
N ASP C 68 19.06 22.43 -17.43
CA ASP C 68 18.75 21.52 -18.57
C ASP C 68 19.97 21.35 -19.47
N ALA C 69 20.68 22.44 -19.75
CA ALA C 69 21.81 22.53 -20.73
C ALA C 69 22.93 21.53 -20.38
N GLU C 70 23.32 21.47 -19.10
CA GLU C 70 24.44 20.61 -18.64
C GLU C 70 24.03 19.13 -18.63
N ILE C 71 22.73 18.85 -18.53
CA ILE C 71 22.22 17.45 -18.60
C ILE C 71 22.41 16.97 -20.05
N ASP C 72 21.82 17.69 -21.01
CA ASP C 72 21.89 17.37 -22.46
C ASP C 72 23.34 17.34 -22.94
N ASN C 73 24.21 18.18 -22.39
CA ASN C 73 25.66 18.18 -22.72
C ASN C 73 26.32 16.95 -22.10
N ALA C 74 26.10 16.69 -20.80
CA ALA C 74 26.78 15.59 -20.06
C ALA C 74 26.52 14.25 -20.76
N PHE C 75 25.29 14.02 -21.24
CA PHE C 75 24.90 12.79 -22.00
C PHE C 75 25.31 12.88 -23.47
N ALA C 76 25.55 14.09 -24.00
CA ALA C 76 26.22 14.28 -25.31
C ALA C 76 27.73 14.03 -25.17
N GLU C 77 28.34 14.46 -24.06
CA GLU C 77 29.79 14.29 -23.78
C GLU C 77 30.12 12.84 -23.41
N LEU C 78 29.20 12.13 -22.77
CA LEU C 78 29.37 10.68 -22.48
C LEU C 78 29.29 9.90 -23.80
N ALA C 79 28.29 10.22 -24.62
CA ALA C 79 27.98 9.58 -25.92
C ALA C 79 29.21 9.50 -26.83
N LYS C 80 30.16 10.44 -26.68
CA LYS C 80 31.48 10.41 -27.37
C LYS C 80 32.24 9.15 -26.96
N HIS C 81 32.55 9.00 -25.67
CA HIS C 81 33.35 7.87 -25.14
C HIS C 81 32.57 6.57 -25.31
N TRP C 82 31.35 6.57 -24.76
CA TRP C 82 30.51 5.34 -24.66
C TRP C 82 29.41 5.39 -25.71
N ASP C 83 29.35 4.38 -26.57
CA ASP C 83 28.35 4.29 -27.67
C ASP C 83 26.97 4.02 -27.08
N GLY C 84 26.89 3.10 -26.11
CA GLY C 84 25.68 2.80 -25.32
C GLY C 84 26.04 2.74 -23.84
N VAL C 85 25.09 2.34 -22.99
CA VAL C 85 25.32 2.26 -21.52
C VAL C 85 24.30 1.34 -20.85
N ASP C 86 24.71 0.69 -19.76
CA ASP C 86 23.96 -0.41 -19.08
C ASP C 86 23.18 0.08 -17.84
N GLY C 87 23.55 1.23 -17.26
CA GLY C 87 22.70 1.82 -16.22
C GLY C 87 23.12 3.20 -15.78
N VAL C 88 22.15 3.98 -15.32
CA VAL C 88 22.37 5.31 -14.68
C VAL C 88 21.77 5.27 -13.29
N VAL C 89 22.62 5.46 -12.28
CA VAL C 89 22.24 5.45 -10.85
C VAL C 89 22.08 6.90 -10.40
N HIS C 90 20.90 7.21 -9.89
CA HIS C 90 20.48 8.58 -9.50
C HIS C 90 20.40 8.61 -7.98
N SER C 91 21.46 9.11 -7.37
CA SER C 91 21.55 9.30 -5.90
C SER C 91 21.60 10.80 -5.60
N ILE C 92 20.71 11.55 -6.24
CA ILE C 92 20.59 13.02 -6.01
C ILE C 92 19.34 13.28 -5.17
N GLY C 93 19.54 14.07 -4.13
CA GLY C 93 18.49 14.52 -3.21
C GLY C 93 18.93 15.80 -2.55
N PHE C 94 18.06 16.79 -2.55
CA PHE C 94 18.32 18.07 -1.84
C PHE C 94 17.02 18.80 -1.58
N ALA C 95 16.90 19.30 -0.35
CA ALA C 95 15.96 20.37 0.04
C ALA C 95 16.72 21.40 0.87
N PRO C 96 16.30 22.69 0.85
CA PRO C 96 16.75 23.66 1.85
C PRO C 96 16.82 23.10 3.28
N ALA C 97 17.62 23.77 4.11
CA ALA C 97 17.82 23.37 5.53
C ALA C 97 16.57 23.77 6.31
N HIS C 98 16.11 25.01 6.12
CA HIS C 98 14.96 25.60 6.88
C HIS C 98 13.71 24.73 6.70
N THR C 99 13.45 24.23 5.48
CA THR C 99 12.29 23.36 5.15
C THR C 99 12.39 22.02 5.88
N LEU C 100 13.61 21.55 6.17
CA LEU C 100 13.87 20.27 6.88
C LEU C 100 14.16 20.52 8.37
N ASP C 101 13.62 21.58 8.96
CA ASP C 101 13.87 21.90 10.38
C ASP C 101 12.70 22.72 10.93
N GLY C 102 11.74 22.04 11.54
CA GLY C 102 10.61 22.68 12.26
C GLY C 102 9.30 21.92 12.12
N ASP C 103 8.21 22.63 12.38
CA ASP C 103 6.82 22.20 12.10
C ASP C 103 6.56 22.30 10.59
N PHE C 104 5.85 21.32 10.03
CA PHE C 104 5.68 21.16 8.55
C PHE C 104 4.96 22.36 7.95
N THR C 105 3.84 22.79 8.55
CA THR C 105 2.96 23.84 7.96
C THR C 105 3.70 25.18 7.92
N ASP C 106 4.50 25.49 8.94
CA ASP C 106 5.17 26.81 9.09
C ASP C 106 6.37 26.94 8.14
N VAL C 107 7.23 25.93 8.05
CA VAL C 107 8.57 26.05 7.39
C VAL C 107 8.53 25.74 5.89
N THR C 108 7.39 25.39 5.30
CA THR C 108 7.31 24.95 3.87
C THR C 108 6.86 26.11 2.98
N ASP C 109 7.79 26.82 2.34
CA ASP C 109 7.49 27.96 1.43
C ASP C 109 7.54 27.51 -0.03
N ARG C 110 6.89 28.27 -0.91
CA ARG C 110 6.76 27.91 -2.35
C ARG C 110 8.13 27.57 -2.95
N ASP C 111 9.15 28.38 -2.67
CA ASP C 111 10.49 28.20 -3.32
C ASP C 111 11.20 26.97 -2.76
N GLY C 112 11.06 26.69 -1.46
CA GLY C 112 11.67 25.50 -0.83
C GLY C 112 11.00 24.23 -1.32
N PHE C 113 9.68 24.30 -1.55
CA PHE C 113 8.88 23.23 -2.20
C PHE C 113 9.47 22.97 -3.58
N LYS C 114 9.67 24.04 -4.36
CA LYS C 114 10.04 23.98 -5.79
C LYS C 114 11.47 23.43 -5.93
N ILE C 115 12.36 23.77 -5.00
CA ILE C 115 13.77 23.29 -5.05
C ILE C 115 13.76 21.79 -4.76
N ALA C 116 13.15 21.40 -3.63
CA ALA C 116 13.12 20.00 -3.12
C ALA C 116 12.58 19.05 -4.18
N HIS C 117 11.48 19.40 -4.85
CA HIS C 117 10.85 18.59 -5.92
C HIS C 117 11.71 18.60 -7.19
N ASP C 118 12.11 19.79 -7.64
CA ASP C 118 12.89 20.00 -8.90
C ASP C 118 14.20 19.22 -8.87
N ILE C 119 14.88 19.16 -7.72
CA ILE C 119 16.20 18.48 -7.64
C ILE C 119 15.99 16.99 -7.37
N SER C 120 15.13 16.65 -6.42
CA SER C 120 15.08 15.26 -5.85
C SER C 120 14.07 14.39 -6.61
N ALA C 121 13.31 14.93 -7.56
CA ALA C 121 12.21 14.18 -8.24
C ALA C 121 12.20 14.39 -9.75
N TYR C 122 12.28 15.64 -10.21
CA TYR C 122 12.33 15.94 -11.67
C TYR C 122 13.69 15.55 -12.25
N SER C 123 14.77 15.76 -11.51
CA SER C 123 16.15 15.45 -11.97
C SER C 123 16.22 14.00 -12.46
N PHE C 124 15.61 13.08 -11.72
CA PHE C 124 15.54 11.65 -12.13
C PHE C 124 14.84 11.52 -13.48
N VAL C 125 13.76 12.26 -13.75
CA VAL C 125 13.02 12.17 -15.04
C VAL C 125 13.95 12.67 -16.14
N ALA C 126 14.38 13.93 -16.01
CA ALA C 126 15.22 14.68 -16.99
C ALA C 126 16.38 13.80 -17.47
N MET C 127 17.06 13.13 -16.54
CA MET C 127 18.25 12.28 -16.83
C MET C 127 17.82 11.03 -17.61
N ALA C 128 16.70 10.41 -17.24
CA ALA C 128 16.16 9.25 -18.01
C ALA C 128 15.94 9.66 -19.47
N ARG C 129 15.46 10.88 -19.73
CA ARG C 129 15.16 11.37 -21.10
C ARG C 129 16.46 11.56 -21.90
N ALA C 130 17.47 12.21 -21.31
CA ALA C 130 18.77 12.44 -21.98
C ALA C 130 19.46 11.09 -22.19
N ALA C 131 19.30 10.16 -21.25
CA ALA C 131 20.01 8.86 -21.24
C ALA C 131 19.27 7.82 -22.08
N LYS C 132 18.12 8.15 -22.69
CA LYS C 132 17.33 7.18 -23.50
C LYS C 132 18.20 6.60 -24.63
N PRO C 133 18.73 7.41 -25.58
CA PRO C 133 19.43 6.85 -26.73
C PRO C 133 20.52 5.86 -26.29
N LEU C 134 21.37 6.26 -25.33
CA LEU C 134 22.49 5.40 -24.83
C LEU C 134 21.93 4.14 -24.17
N LEU C 135 20.88 4.28 -23.34
CA LEU C 135 20.25 3.13 -22.63
C LEU C 135 19.64 2.17 -23.67
N GLN C 136 18.90 2.70 -24.64
CA GLN C 136 18.18 1.90 -25.68
C GLN C 136 19.15 0.91 -26.34
N ALA C 137 20.38 1.34 -26.59
CA ALA C 137 21.42 0.58 -27.32
C ALA C 137 21.74 -0.74 -26.59
N ARG C 138 22.07 -0.67 -25.30
CA ARG C 138 22.46 -1.87 -24.49
C ARG C 138 21.24 -2.43 -23.73
N GLN C 139 20.02 -1.98 -24.06
CA GLN C 139 18.77 -2.24 -23.28
C GLN C 139 19.07 -2.04 -21.78
N GLY C 140 19.68 -0.90 -21.45
CA GLY C 140 20.14 -0.57 -20.10
C GLY C 140 18.99 -0.32 -19.14
N CYS C 141 19.32 0.12 -17.92
CA CYS C 141 18.34 0.24 -16.81
C CYS C 141 18.63 1.50 -15.98
N LEU C 142 17.63 1.93 -15.21
CA LEU C 142 17.72 3.12 -14.33
C LEU C 142 17.52 2.69 -12.87
N LEU C 143 18.25 3.31 -11.95
CA LEU C 143 18.02 3.16 -10.49
C LEU C 143 18.04 4.54 -9.81
N THR C 144 17.21 4.71 -8.77
CA THR C 144 17.19 5.91 -7.90
C THR C 144 17.07 5.51 -6.43
N LEU C 145 17.41 6.43 -5.54
CA LEU C 145 17.30 6.21 -4.07
C LEU C 145 16.09 6.99 -3.55
N THR C 146 15.36 6.41 -2.61
CA THR C 146 14.24 7.11 -1.92
C THR C 146 14.19 6.75 -0.43
N TYR C 147 13.36 7.48 0.31
CA TYR C 147 13.19 7.31 1.76
C TYR C 147 11.70 7.13 2.05
N GLN C 148 11.36 6.21 2.95
CA GLN C 148 9.93 5.91 3.22
C GLN C 148 9.25 7.07 3.97
N GLY C 149 9.81 8.29 3.88
CA GLY C 149 9.14 9.54 4.28
C GLY C 149 7.97 9.84 3.38
N SER C 150 8.08 9.48 2.10
CA SER C 150 6.97 9.52 1.12
C SER C 150 5.71 8.84 1.70
N GLU C 151 5.85 7.61 2.18
CA GLU C 151 4.72 6.70 2.51
C GLU C 151 4.22 6.88 3.95
N ARG C 152 5.08 7.26 4.89
CA ARG C 152 4.67 7.54 6.30
C ARG C 152 5.55 8.67 6.85
N VAL C 153 5.11 9.30 7.94
CA VAL C 153 5.74 10.55 8.46
C VAL C 153 6.92 10.16 9.36
N MET C 154 8.09 10.63 8.96
CA MET C 154 9.29 10.65 9.81
C MET C 154 9.55 12.14 10.09
N PRO C 155 9.88 12.50 11.35
CA PRO C 155 9.86 13.90 11.77
C PRO C 155 11.02 14.68 11.15
N ASN C 156 10.78 15.94 10.79
CA ASN C 156 11.79 16.89 10.20
C ASN C 156 12.09 16.57 8.73
N TYR C 157 11.46 15.56 8.14
CA TYR C 157 11.67 15.20 6.70
C TYR C 157 10.85 16.17 5.83
N ASN C 158 9.65 16.51 6.30
CA ASN C 158 8.83 17.65 5.81
C ASN C 158 8.69 17.55 4.29
N VAL C 159 9.17 18.54 3.55
CA VAL C 159 8.81 18.70 2.11
C VAL C 159 9.52 17.62 1.28
N MET C 160 10.61 17.03 1.80
CA MET C 160 11.32 15.96 1.04
C MET C 160 10.39 14.76 0.85
N GLY C 161 9.58 14.39 1.86
CA GLY C 161 8.56 13.33 1.76
C GLY C 161 7.64 13.54 0.56
N MET C 162 7.20 14.77 0.33
CA MET C 162 6.41 15.13 -0.88
C MET C 162 7.24 14.87 -2.15
N ALA C 163 8.53 15.20 -2.14
CA ALA C 163 9.43 14.99 -3.30
C ALA C 163 9.73 13.50 -3.50
N LYS C 164 9.98 12.76 -2.42
CA LYS C 164 10.21 11.30 -2.53
C LYS C 164 8.95 10.58 -3.01
N ALA C 165 7.75 11.05 -2.66
CA ALA C 165 6.49 10.47 -3.16
C ALA C 165 6.34 10.77 -4.65
N SER C 166 6.62 12.02 -5.01
CA SER C 166 6.65 12.50 -6.41
C SER C 166 7.61 11.64 -7.23
N LEU C 167 8.82 11.42 -6.70
CA LEU C 167 9.87 10.58 -7.32
C LEU C 167 9.33 9.16 -7.54
N GLU C 168 8.92 8.49 -6.46
CA GLU C 168 8.41 7.09 -6.47
C GLU C 168 7.29 6.90 -7.49
N ALA C 169 6.47 7.91 -7.77
CA ALA C 169 5.49 7.86 -8.88
C ALA C 169 6.25 7.86 -10.21
N GLY C 170 7.24 8.74 -10.36
CA GLY C 170 8.02 8.91 -11.61
C GLY C 170 8.76 7.63 -12.01
N VAL C 171 9.20 6.84 -11.03
CA VAL C 171 9.79 5.49 -11.26
C VAL C 171 8.80 4.62 -12.00
N ARG C 172 7.53 4.65 -11.59
CA ARG C 172 6.44 3.89 -12.24
C ARG C 172 6.09 4.46 -13.61
N TYR C 173 5.91 5.78 -13.74
CA TYR C 173 5.55 6.40 -15.05
C TYR C 173 6.70 6.18 -16.05
N LEU C 174 7.97 6.24 -15.61
CA LEU C 174 9.14 5.97 -16.50
C LEU C 174 9.25 4.47 -16.82
N ALA C 175 8.95 3.59 -15.87
CA ALA C 175 9.00 2.11 -16.02
C ALA C 175 8.06 1.67 -17.15
N SER C 176 6.88 2.27 -17.23
CA SER C 176 5.84 1.98 -18.26
C SER C 176 6.08 2.79 -19.54
N SER C 177 6.72 3.97 -19.48
CA SER C 177 7.02 4.80 -20.67
C SER C 177 8.21 4.25 -21.45
N LEU C 178 9.26 3.84 -20.73
CA LEU C 178 10.52 3.27 -21.31
C LEU C 178 10.49 1.74 -21.23
N GLY C 179 9.35 1.13 -20.89
CA GLY C 179 9.24 -0.33 -20.72
C GLY C 179 9.30 -1.05 -22.05
N VAL C 180 8.74 -0.41 -23.07
CA VAL C 180 8.65 -0.96 -24.46
C VAL C 180 10.04 -1.01 -25.13
N ASP C 181 11.01 -0.24 -24.65
CA ASP C 181 12.44 -0.37 -25.08
C ASP C 181 13.21 -1.33 -24.15
N GLY C 182 12.51 -2.20 -23.42
CA GLY C 182 13.14 -3.16 -22.48
C GLY C 182 14.09 -2.49 -21.49
N ILE C 183 13.81 -1.25 -21.09
CA ILE C 183 14.57 -0.53 -20.03
C ILE C 183 13.82 -0.67 -18.71
N ARG C 184 14.51 -1.20 -17.71
CA ARG C 184 13.94 -1.34 -16.35
C ARG C 184 14.25 -0.08 -15.56
N VAL C 185 13.29 0.33 -14.73
CA VAL C 185 13.40 1.53 -13.86
C VAL C 185 12.92 1.12 -12.46
N ASN C 186 13.79 1.31 -11.48
CA ASN C 186 13.53 0.85 -10.09
C ASN C 186 14.12 1.85 -9.11
N ALA C 187 13.75 1.70 -7.84
CA ALA C 187 14.31 2.50 -6.74
C ALA C 187 14.56 1.63 -5.52
N ILE C 188 15.52 2.05 -4.71
CA ILE C 188 15.81 1.47 -3.37
C ILE C 188 15.36 2.48 -2.32
N SER C 189 14.43 2.08 -1.45
CA SER C 189 14.06 2.85 -0.25
C SER C 189 14.94 2.37 0.88
N ALA C 190 15.92 3.18 1.24
CA ALA C 190 17.04 2.79 2.12
C ALA C 190 16.77 3.25 3.54
N GLY C 191 17.02 2.38 4.52
CA GLY C 191 17.06 2.76 5.93
C GLY C 191 17.96 3.99 6.17
N PRO C 192 17.96 4.56 7.40
CA PRO C 192 18.83 5.70 7.67
C PRO C 192 20.27 5.24 7.87
N ILE C 193 21.18 5.96 7.20
CA ILE C 193 22.66 5.81 7.31
C ILE C 193 23.24 7.21 7.49
N ARG C 194 24.35 7.34 8.23
CA ARG C 194 25.06 8.64 8.38
C ARG C 194 25.80 8.99 7.09
N THR C 195 25.39 10.07 6.42
CA THR C 195 26.03 10.62 5.18
C THR C 195 26.16 12.15 5.29
N LEU C 196 26.49 12.83 4.19
CA LEU C 196 26.69 14.31 4.14
C LEU C 196 25.35 15.05 4.23
N ALA C 197 24.21 14.39 4.05
CA ALA C 197 22.86 14.94 4.35
C ALA C 197 22.67 15.04 5.87
N ALA C 198 23.18 14.04 6.60
CA ALA C 198 23.07 13.90 8.08
C ALA C 198 24.03 14.84 8.84
N SER C 199 25.17 15.19 8.24
CA SER C 199 26.28 15.93 8.93
C SER C 199 25.78 17.31 9.38
N GLY C 200 26.10 17.69 10.63
CA GLY C 200 25.62 18.94 11.26
C GLY C 200 24.28 18.79 11.97
N ILE C 201 23.41 17.86 11.54
CA ILE C 201 22.04 17.65 12.11
C ILE C 201 22.18 16.80 13.38
N LYS C 202 21.36 17.08 14.39
CA LYS C 202 21.45 16.41 15.73
C LYS C 202 20.27 15.45 15.95
N SER C 203 19.11 15.70 15.34
CA SER C 203 17.93 14.80 15.36
C SER C 203 18.30 13.43 14.78
N PHE C 204 19.08 13.44 13.69
CA PHE C 204 19.60 12.25 12.99
C PHE C 204 20.15 11.22 13.99
N ARG C 205 21.02 11.64 14.91
CA ARG C 205 21.61 10.77 15.98
C ARG C 205 20.49 9.99 16.68
N LYS C 206 19.41 10.66 17.10
CA LYS C 206 18.28 10.06 17.85
C LYS C 206 17.42 9.16 16.95
N MET C 207 17.25 9.59 15.70
CA MET C 207 16.41 8.88 14.70
C MET C 207 17.04 7.52 14.34
N LEU C 208 18.37 7.39 14.33
CA LEU C 208 19.08 6.08 14.14
C LEU C 208 18.91 5.19 15.37
N ASP C 209 18.83 5.78 16.56
CA ASP C 209 18.73 5.02 17.85
C ASP C 209 17.40 4.26 17.89
N ALA C 210 16.33 4.94 17.49
CA ALA C 210 14.96 4.38 17.45
C ALA C 210 14.87 3.35 16.32
N ASN C 211 15.27 3.73 15.11
CA ASN C 211 15.28 2.84 13.91
C ASN C 211 15.97 1.53 14.25
N GLU C 212 17.06 1.55 15.04
CA GLU C 212 17.74 0.31 15.51
C GLU C 212 16.82 -0.44 16.48
N LYS C 213 16.18 0.27 17.40
CA LYS C 213 15.29 -0.39 18.41
C LYS C 213 14.14 -1.10 17.69
N VAL C 214 13.49 -0.40 16.75
CA VAL C 214 12.21 -0.81 16.11
C VAL C 214 12.43 -1.95 15.10
N ALA C 215 13.46 -1.85 14.28
CA ALA C 215 13.64 -2.69 13.08
C ALA C 215 13.88 -4.14 13.50
N PRO C 216 13.15 -5.12 12.92
CA PRO C 216 13.29 -6.51 13.32
C PRO C 216 14.72 -7.03 13.47
N LEU C 217 15.64 -6.59 12.61
CA LEU C 217 17.06 -7.07 12.61
C LEU C 217 17.89 -6.36 13.69
N LYS C 218 17.26 -5.46 14.46
CA LYS C 218 17.88 -4.77 15.64
C LYS C 218 19.15 -4.03 15.22
N ARG C 219 19.24 -3.60 13.97
CA ARG C 219 20.44 -2.90 13.46
C ARG C 219 20.09 -1.98 12.30
N ASN C 220 20.79 -0.86 12.21
CA ASN C 220 20.79 0.02 11.02
C ASN C 220 21.42 -0.73 9.84
N VAL C 221 21.22 -0.21 8.65
CA VAL C 221 21.80 -0.82 7.41
C VAL C 221 23.04 -0.03 7.04
N THR C 222 23.89 -0.68 6.25
CA THR C 222 25.22 -0.18 5.85
C THR C 222 25.17 0.22 4.37
N ILE C 223 26.04 1.12 3.93
CA ILE C 223 26.13 1.49 2.49
C ILE C 223 26.44 0.25 1.65
N GLU C 224 27.11 -0.75 2.21
CA GLU C 224 27.43 -2.01 1.46
C GLU C 224 26.15 -2.83 1.26
N GLU C 225 25.21 -2.79 2.21
CA GLU C 225 23.91 -3.51 2.08
C GLU C 225 22.98 -2.81 1.10
N VAL C 226 23.09 -1.48 1.01
CA VAL C 226 22.40 -0.67 -0.05
C VAL C 226 23.17 -0.87 -1.36
N GLY C 227 24.51 -0.92 -1.31
CA GLY C 227 25.36 -1.21 -2.48
C GLY C 227 24.93 -2.49 -3.18
N ASN C 228 24.84 -3.59 -2.43
CA ASN C 228 24.60 -4.95 -2.98
C ASN C 228 23.15 -5.12 -3.46
N ALA C 229 22.20 -4.32 -2.95
CA ALA C 229 20.80 -4.32 -3.42
C ALA C 229 20.70 -3.54 -4.73
N ALA C 230 21.41 -2.40 -4.83
CA ALA C 230 21.54 -1.61 -6.08
C ALA C 230 22.14 -2.49 -7.18
N LEU C 231 23.26 -3.15 -6.85
CA LEU C 231 23.98 -4.10 -7.73
C LEU C 231 22.98 -5.08 -8.34
N PHE C 232 22.20 -5.74 -7.48
CA PHE C 232 21.17 -6.72 -7.93
C PHE C 232 20.22 -6.08 -8.95
N LEU C 233 19.72 -4.87 -8.65
CA LEU C 233 18.73 -4.17 -9.52
C LEU C 233 19.39 -3.67 -10.82
N CYS C 234 20.70 -3.43 -10.81
CA CYS C 234 21.46 -3.01 -12.02
C CYS C 234 22.01 -4.23 -12.80
N SER C 235 21.68 -5.46 -12.40
CA SER C 235 22.24 -6.71 -12.97
C SER C 235 21.24 -7.44 -13.85
N PRO C 236 21.70 -8.48 -14.58
CA PRO C 236 20.83 -9.49 -15.21
C PRO C 236 19.95 -10.39 -14.33
N TRP C 237 20.20 -10.43 -13.02
CA TRP C 237 19.41 -11.25 -12.08
C TRP C 237 18.03 -10.59 -11.82
N ALA C 238 17.85 -9.33 -12.23
CA ALA C 238 16.63 -8.54 -11.98
C ALA C 238 15.91 -8.17 -13.28
N SER C 239 15.89 -9.08 -14.26
CA SER C 239 15.33 -8.76 -15.61
C SER C 239 13.79 -8.84 -15.58
N GLY C 240 13.21 -9.51 -14.58
CA GLY C 240 11.75 -9.53 -14.36
C GLY C 240 11.28 -8.52 -13.35
N ILE C 241 12.10 -7.50 -13.03
CA ILE C 241 11.83 -6.53 -11.93
C ILE C 241 11.93 -5.12 -12.48
N THR C 242 10.79 -4.51 -12.76
CA THR C 242 10.69 -3.08 -13.11
C THR C 242 9.63 -2.45 -12.23
N GLY C 243 9.76 -1.13 -12.03
CA GLY C 243 8.76 -0.27 -11.36
C GLY C 243 8.67 -0.54 -9.87
N GLU C 244 9.78 -0.92 -9.23
CA GLU C 244 9.80 -1.50 -7.87
C GLU C 244 10.43 -0.51 -6.90
N ILE C 245 9.86 -0.39 -5.70
CA ILE C 245 10.52 0.30 -4.56
C ILE C 245 10.93 -0.79 -3.58
N LEU C 246 12.19 -1.20 -3.69
CA LEU C 246 12.78 -2.27 -2.85
C LEU C 246 13.23 -1.64 -1.54
N TYR C 247 12.73 -2.17 -0.42
CA TYR C 247 13.09 -1.68 0.92
C TYR C 247 14.32 -2.44 1.40
N VAL C 248 15.35 -1.67 1.74
CA VAL C 248 16.60 -2.13 2.40
C VAL C 248 16.70 -1.29 3.67
N ASP C 249 16.00 -1.71 4.71
CA ASP C 249 15.87 -0.93 5.96
C ASP C 249 15.78 -1.85 7.18
N ALA C 250 16.36 -3.04 7.10
CA ALA C 250 16.28 -4.07 8.17
C ALA C 250 14.81 -4.37 8.53
N GLY C 251 13.87 -4.17 7.61
CA GLY C 251 12.44 -4.46 7.84
C GLY C 251 11.75 -3.48 8.79
N PHE C 252 12.31 -2.29 9.00
CA PHE C 252 11.68 -1.25 9.84
C PHE C 252 10.26 -0.94 9.32
N ASN C 253 10.11 -0.79 8.01
CA ASN C 253 8.82 -0.45 7.34
C ASN C 253 7.72 -1.46 7.73
N THR C 254 8.06 -2.70 8.11
CA THR C 254 7.06 -3.77 8.41
C THR C 254 6.50 -3.65 9.83
N VAL C 255 6.98 -2.70 10.65
CA VAL C 255 6.62 -2.67 12.10
C VAL C 255 5.59 -1.58 12.35
N GLY C 256 4.44 -1.99 12.88
CA GLY C 256 3.37 -1.07 13.32
C GLY C 256 3.72 -0.47 14.66
N MET C 257 4.27 -1.28 15.55
CA MET C 257 4.59 -0.84 16.92
C MET C 257 5.52 -1.86 17.55
N SER C 258 6.70 -1.41 17.95
CA SER C 258 7.71 -2.28 18.57
C SER C 258 7.42 -2.41 20.08
N GLN C 259 7.71 -3.57 20.65
CA GLN C 259 7.60 -3.78 22.13
C GLN C 259 8.65 -2.91 22.83
N SER C 260 8.21 -1.89 23.58
CA SER C 260 9.01 -0.73 24.08
C SER C 260 9.05 0.38 23.03
N GLN D 1 33.92 -21.10 -7.21
CA GLN D 1 33.43 -20.43 -5.96
C GLN D 1 32.40 -19.36 -6.31
N GLY D 2 31.13 -19.76 -6.47
CA GLY D 2 30.00 -18.84 -6.68
C GLY D 2 29.61 -18.10 -5.42
N LEU D 3 28.60 -17.24 -5.52
CA LEU D 3 28.06 -16.38 -4.42
C LEU D 3 27.64 -17.25 -3.21
N LEU D 4 27.06 -18.42 -3.46
CA LEU D 4 26.48 -19.26 -2.36
C LEU D 4 27.37 -20.46 -2.07
N ALA D 5 28.68 -20.30 -2.17
CA ALA D 5 29.65 -21.42 -2.09
C ALA D 5 29.69 -21.99 -0.67
N GLY D 6 29.29 -23.26 -0.52
CA GLY D 6 29.40 -24.01 0.74
C GLY D 6 28.31 -23.61 1.71
N LYS D 7 27.16 -23.27 1.14
CA LYS D 7 25.91 -22.94 1.87
C LYS D 7 24.91 -24.06 1.63
N ARG D 8 23.95 -24.19 2.54
CA ARG D 8 22.94 -25.27 2.49
C ARG D 8 21.57 -24.62 2.36
N PHE D 9 20.69 -25.22 1.56
CA PHE D 9 19.30 -24.73 1.31
C PHE D 9 18.33 -25.90 1.12
N LEU D 10 17.38 -26.06 2.04
CA LEU D 10 16.21 -26.95 1.84
C LEU D 10 15.22 -26.25 0.89
N ILE D 11 14.77 -26.95 -0.16
CA ILE D 11 13.79 -26.43 -1.16
C ILE D 11 12.53 -27.30 -1.10
N ALA D 12 11.43 -26.71 -0.65
CA ALA D 12 10.14 -27.41 -0.43
C ALA D 12 9.15 -27.00 -1.52
N GLY D 13 8.80 -27.94 -2.41
CA GLY D 13 7.73 -27.78 -3.42
C GLY D 13 8.16 -28.04 -4.86
N VAL D 14 8.99 -29.04 -5.11
CA VAL D 14 9.47 -29.37 -6.49
C VAL D 14 8.58 -30.47 -7.07
N ALA D 15 7.72 -30.15 -8.03
CA ALA D 15 6.79 -31.13 -8.64
C ALA D 15 7.07 -31.37 -10.13
N SER D 16 7.84 -30.50 -10.80
CA SER D 16 8.12 -30.60 -12.26
C SER D 16 9.23 -29.65 -12.70
N LYS D 17 9.63 -29.76 -13.96
CA LYS D 17 10.69 -28.90 -14.57
C LYS D 17 10.15 -27.50 -14.85
N LEU D 18 8.82 -27.31 -14.79
CA LEU D 18 8.16 -25.97 -14.95
C LEU D 18 8.21 -25.17 -13.64
N SER D 19 8.27 -25.86 -12.50
CA SER D 19 8.04 -25.31 -11.14
C SER D 19 8.99 -24.16 -10.81
N ILE D 20 8.50 -23.19 -10.04
CA ILE D 20 9.30 -22.05 -9.50
C ILE D 20 10.34 -22.61 -8.55
N ALA D 21 9.95 -23.63 -7.77
CA ALA D 21 10.88 -24.36 -6.88
C ALA D 21 12.09 -24.85 -7.70
N TYR D 22 11.83 -25.44 -8.87
CA TYR D 22 12.89 -25.95 -9.78
C TYR D 22 13.79 -24.78 -10.21
N GLY D 23 13.17 -23.74 -10.76
CA GLY D 23 13.92 -22.53 -11.17
C GLY D 23 14.80 -22.03 -10.05
N ILE D 24 14.29 -22.02 -8.81
CA ILE D 24 15.06 -21.49 -7.63
C ILE D 24 16.23 -22.44 -7.38
N ALA D 25 15.96 -23.74 -7.29
CA ALA D 25 16.99 -24.80 -7.15
C ALA D 25 18.11 -24.59 -8.20
N GLN D 26 17.74 -24.31 -9.46
CA GLN D 26 18.71 -24.17 -10.60
C GLN D 26 19.75 -23.10 -10.28
N ALA D 27 19.32 -21.92 -9.81
CA ALA D 27 20.17 -20.72 -9.72
C ALA D 27 20.98 -20.74 -8.43
N LEU D 28 20.41 -21.31 -7.36
CA LEU D 28 21.13 -21.50 -6.07
C LEU D 28 22.27 -22.47 -6.31
N HIS D 29 21.98 -23.59 -6.98
CA HIS D 29 23.01 -24.59 -7.40
C HIS D 29 24.01 -23.89 -8.30
N ARG D 30 23.53 -23.26 -9.37
CA ARG D 30 24.37 -22.51 -10.36
C ARG D 30 25.36 -21.57 -9.66
N GLU D 31 25.18 -21.29 -8.37
CA GLU D 31 26.10 -20.42 -7.57
C GLU D 31 26.79 -21.23 -6.46
N GLY D 32 26.74 -22.56 -6.54
CA GLY D 32 27.57 -23.48 -5.72
C GLY D 32 26.98 -23.77 -4.35
N ALA D 33 25.66 -23.94 -4.26
CA ALA D 33 24.97 -24.25 -2.99
C ALA D 33 24.71 -25.75 -2.90
N GLU D 34 24.79 -26.29 -1.69
CA GLU D 34 24.49 -27.71 -1.36
C GLU D 34 23.00 -27.82 -1.02
N LEU D 35 22.18 -28.25 -1.98
CA LEU D 35 20.72 -28.35 -1.79
C LEU D 35 20.35 -29.65 -1.06
N ALA D 36 19.36 -29.56 -0.19
CA ALA D 36 18.50 -30.67 0.28
C ALA D 36 17.11 -30.45 -0.33
N PHE D 37 16.21 -31.42 -0.20
CA PHE D 37 14.88 -31.39 -0.86
C PHE D 37 13.81 -32.08 -0.03
N THR D 38 12.55 -31.71 -0.26
CA THR D 38 11.36 -32.45 0.25
C THR D 38 10.40 -32.75 -0.91
N TYR D 39 9.55 -33.74 -0.72
CA TYR D 39 8.46 -34.15 -1.65
C TYR D 39 7.17 -34.33 -0.87
N PRO D 40 6.00 -33.91 -1.42
CA PRO D 40 4.72 -34.08 -0.72
C PRO D 40 4.38 -35.50 -0.27
N ASN D 41 4.30 -36.45 -1.22
CA ASN D 41 3.72 -37.80 -0.98
C ASN D 41 4.50 -38.88 -1.77
N GLU D 42 4.12 -40.15 -1.56
CA GLU D 42 4.81 -41.35 -2.12
C GLU D 42 4.86 -41.29 -3.65
N LYS D 43 3.79 -40.84 -4.32
CA LYS D 43 3.68 -40.78 -5.81
C LYS D 43 4.69 -39.80 -6.42
N LEU D 44 5.13 -38.80 -5.66
CA LEU D 44 6.10 -37.78 -6.13
C LEU D 44 7.50 -38.07 -5.56
N LYS D 45 7.72 -39.26 -4.97
CA LYS D 45 9.01 -39.61 -4.32
C LYS D 45 10.10 -39.81 -5.39
N LYS D 46 9.79 -40.54 -6.46
CA LYS D 46 10.79 -40.85 -7.53
C LYS D 46 11.18 -39.57 -8.26
N ARG D 47 10.19 -38.84 -8.79
CA ARG D 47 10.40 -37.63 -9.64
C ARG D 47 11.32 -36.63 -8.93
N VAL D 48 11.17 -36.49 -7.61
CA VAL D 48 12.00 -35.54 -6.80
C VAL D 48 13.38 -36.15 -6.59
N ASP D 49 13.45 -37.44 -6.26
CA ASP D 49 14.74 -38.21 -6.18
C ASP D 49 15.53 -37.97 -7.47
N GLU D 50 14.84 -37.99 -8.62
CA GLU D 50 15.43 -37.73 -9.95
C GLU D 50 15.91 -36.27 -10.01
N PHE D 51 15.06 -35.31 -9.62
CA PHE D 51 15.41 -33.85 -9.65
C PHE D 51 16.50 -33.55 -8.61
N ALA D 52 16.55 -34.33 -7.53
CA ALA D 52 17.58 -34.20 -6.48
C ALA D 52 18.94 -34.55 -7.08
N GLU D 53 19.03 -35.74 -7.66
CA GLU D 53 20.26 -36.23 -8.35
C GLU D 53 20.85 -35.07 -9.15
N GLN D 54 20.05 -34.45 -10.02
CA GLN D 54 20.50 -33.41 -11.00
C GLN D 54 21.44 -32.37 -10.37
N PHE D 55 21.24 -31.97 -9.11
CA PHE D 55 22.01 -30.88 -8.44
C PHE D 55 23.00 -31.45 -7.42
N GLY D 56 23.48 -32.67 -7.64
CA GLY D 56 24.44 -33.35 -6.74
C GLY D 56 23.85 -33.67 -5.38
N SER D 57 22.53 -33.86 -5.29
CA SER D 57 21.83 -33.96 -3.99
C SER D 57 21.23 -35.36 -3.78
N LYS D 58 21.29 -35.83 -2.53
CA LYS D 58 20.67 -37.09 -2.08
C LYS D 58 19.85 -36.88 -0.80
N LEU D 59 19.66 -35.63 -0.37
CA LEU D 59 18.99 -35.31 0.91
C LEU D 59 17.50 -35.03 0.65
N VAL D 60 16.79 -36.06 0.19
CA VAL D 60 15.33 -36.03 -0.07
C VAL D 60 14.58 -36.64 1.12
N PHE D 61 13.52 -35.98 1.58
CA PHE D 61 12.73 -36.40 2.77
C PHE D 61 11.24 -36.22 2.52
N PRO D 62 10.38 -36.98 3.23
CA PRO D 62 8.94 -36.93 3.03
C PRO D 62 8.33 -35.82 3.89
N CYS D 63 7.52 -34.97 3.27
CA CYS D 63 6.84 -33.87 3.99
C CYS D 63 5.52 -33.52 3.30
N ASP D 64 4.44 -34.09 3.82
CA ASP D 64 3.08 -33.55 3.61
C ASP D 64 2.86 -32.51 4.72
N VAL D 65 2.74 -31.24 4.35
CA VAL D 65 2.63 -30.12 5.32
C VAL D 65 1.25 -30.12 5.98
N ALA D 66 0.33 -30.99 5.56
CA ALA D 66 -0.97 -31.18 6.25
C ALA D 66 -0.77 -31.82 7.64
N VAL D 67 0.32 -32.58 7.87
CA VAL D 67 0.53 -33.41 9.11
C VAL D 67 1.70 -32.88 9.96
N ASP D 68 1.51 -32.80 11.28
CA ASP D 68 2.40 -32.13 12.26
C ASP D 68 3.65 -32.97 12.55
N ALA D 69 3.50 -34.30 12.58
CA ALA D 69 4.62 -35.26 12.74
C ALA D 69 5.63 -35.03 11.61
N GLU D 70 5.18 -35.23 10.36
CA GLU D 70 6.01 -35.18 9.13
C GLU D 70 6.80 -33.87 9.02
N ILE D 71 6.29 -32.76 9.54
CA ILE D 71 7.02 -31.46 9.47
C ILE D 71 8.21 -31.51 10.43
N ASP D 72 7.99 -31.90 11.69
CA ASP D 72 9.05 -31.87 12.74
C ASP D 72 10.11 -32.94 12.44
N ASN D 73 9.67 -34.15 12.07
CA ASN D 73 10.53 -35.32 11.77
C ASN D 73 11.56 -34.97 10.69
N ALA D 74 11.10 -34.57 9.50
CA ALA D 74 11.95 -34.19 8.33
C ALA D 74 12.99 -33.10 8.70
N PHE D 75 12.74 -32.30 9.75
CA PHE D 75 13.69 -31.26 10.25
C PHE D 75 14.60 -31.76 11.38
N ALA D 76 14.36 -32.98 11.87
CA ALA D 76 15.32 -33.78 12.66
C ALA D 76 16.17 -34.63 11.69
N GLU D 77 15.51 -35.34 10.78
CA GLU D 77 16.17 -36.14 9.71
C GLU D 77 17.32 -35.32 9.15
N LEU D 78 17.03 -34.10 8.69
CA LEU D 78 18.04 -33.19 8.08
C LEU D 78 19.12 -32.81 9.10
N ALA D 79 18.76 -32.67 10.38
CA ALA D 79 19.67 -32.25 11.47
C ALA D 79 20.74 -33.33 11.74
N LYS D 80 20.48 -34.60 11.38
CA LYS D 80 21.50 -35.68 11.40
C LYS D 80 22.57 -35.37 10.35
N HIS D 81 22.13 -35.11 9.11
CA HIS D 81 23.03 -34.81 7.96
C HIS D 81 23.68 -33.44 8.16
N TRP D 82 22.88 -32.37 8.19
CA TRP D 82 23.37 -30.98 8.33
C TRP D 82 23.23 -30.50 9.78
N ASP D 83 24.19 -29.67 10.19
CA ASP D 83 24.29 -29.11 11.56
C ASP D 83 24.20 -27.59 11.44
N GLY D 84 23.24 -27.14 10.62
CA GLY D 84 23.17 -25.75 10.14
C GLY D 84 22.54 -25.69 8.76
N VAL D 85 21.97 -24.54 8.43
CA VAL D 85 21.36 -24.31 7.09
C VAL D 85 21.24 -22.81 6.88
N ASP D 86 21.63 -22.33 5.69
CA ASP D 86 21.69 -20.89 5.38
C ASP D 86 20.36 -20.40 4.83
N GLY D 87 19.46 -21.31 4.46
CA GLY D 87 18.12 -20.91 3.99
C GLY D 87 17.16 -22.07 3.81
N VAL D 88 15.89 -21.78 4.04
CA VAL D 88 14.74 -22.66 3.71
C VAL D 88 13.90 -21.89 2.70
N VAL D 89 13.41 -22.59 1.69
CA VAL D 89 12.57 -21.98 0.62
C VAL D 89 11.26 -22.75 0.64
N HIS D 90 10.26 -22.10 1.22
CA HIS D 90 8.84 -22.52 1.12
C HIS D 90 8.39 -22.12 -0.28
N SER D 91 7.82 -23.07 -1.02
CA SER D 91 7.21 -22.83 -2.35
C SER D 91 6.05 -23.80 -2.52
N ILE D 92 5.22 -23.85 -1.51
CA ILE D 92 4.04 -24.75 -1.45
C ILE D 92 2.79 -23.88 -1.48
N GLY D 93 1.76 -24.42 -2.11
CA GLY D 93 0.47 -23.74 -2.24
C GLY D 93 -0.51 -24.67 -2.89
N PHE D 94 -1.70 -24.77 -2.30
CA PHE D 94 -2.81 -25.59 -2.81
C PHE D 94 -4.13 -24.95 -2.43
N ALA D 95 -5.13 -25.11 -3.31
CA ALA D 95 -6.56 -24.96 -2.97
C ALA D 95 -7.37 -25.98 -3.79
N PRO D 96 -8.47 -26.54 -3.23
CA PRO D 96 -9.31 -27.46 -3.99
C PRO D 96 -9.80 -26.80 -5.29
N ALA D 97 -10.04 -27.62 -6.32
CA ALA D 97 -10.26 -27.17 -7.71
C ALA D 97 -11.52 -26.32 -7.83
N HIS D 98 -12.59 -26.66 -7.09
CA HIS D 98 -13.89 -25.95 -7.18
C HIS D 98 -13.83 -24.56 -6.53
N THR D 99 -12.85 -24.27 -5.68
CA THR D 99 -12.69 -22.93 -5.05
C THR D 99 -12.09 -21.94 -6.05
N LEU D 100 -11.40 -22.44 -7.07
CA LEU D 100 -10.71 -21.61 -8.09
C LEU D 100 -11.52 -21.54 -9.39
N ASP D 101 -12.85 -21.66 -9.33
CA ASP D 101 -13.69 -21.75 -10.55
C ASP D 101 -15.16 -21.42 -10.24
N GLY D 102 -15.55 -20.16 -10.41
CA GLY D 102 -16.95 -19.70 -10.29
C GLY D 102 -17.07 -18.35 -9.63
N ASP D 103 -18.19 -18.13 -8.95
CA ASP D 103 -18.45 -16.89 -8.18
C ASP D 103 -17.89 -17.12 -6.79
N PHE D 104 -17.10 -16.17 -6.31
CA PHE D 104 -16.39 -16.26 -5.01
C PHE D 104 -17.41 -16.61 -3.92
N THR D 105 -18.46 -15.80 -3.79
CA THR D 105 -19.50 -15.97 -2.74
C THR D 105 -20.14 -17.34 -2.88
N ASP D 106 -20.36 -17.79 -4.11
CA ASP D 106 -21.08 -19.06 -4.38
C ASP D 106 -20.19 -20.24 -4.04
N VAL D 107 -18.96 -20.31 -4.58
CA VAL D 107 -18.15 -21.57 -4.62
C VAL D 107 -17.31 -21.77 -3.35
N THR D 108 -17.00 -20.71 -2.61
CA THR D 108 -15.98 -20.71 -1.51
C THR D 108 -16.61 -21.27 -0.24
N ASP D 109 -16.23 -22.49 0.15
CA ASP D 109 -16.91 -23.26 1.22
C ASP D 109 -15.96 -23.39 2.41
N ARG D 110 -16.48 -23.78 3.57
CA ARG D 110 -15.74 -23.76 4.86
C ARG D 110 -14.46 -24.61 4.76
N ASP D 111 -14.57 -25.85 4.30
CA ASP D 111 -13.41 -26.76 4.22
C ASP D 111 -12.42 -26.26 3.15
N GLY D 112 -12.92 -25.73 2.03
CA GLY D 112 -12.07 -25.19 0.94
C GLY D 112 -11.26 -24.02 1.43
N PHE D 113 -11.84 -23.20 2.31
CA PHE D 113 -11.15 -22.06 2.97
C PHE D 113 -10.10 -22.63 3.94
N LYS D 114 -10.53 -23.53 4.83
CA LYS D 114 -9.64 -24.19 5.82
C LYS D 114 -8.41 -24.72 5.08
N ILE D 115 -8.62 -25.62 4.12
CA ILE D 115 -7.55 -26.36 3.39
C ILE D 115 -6.60 -25.36 2.71
N ALA D 116 -7.15 -24.38 1.98
CA ALA D 116 -6.33 -23.43 1.18
C ALA D 116 -5.36 -22.70 2.09
N HIS D 117 -5.89 -22.12 3.16
CA HIS D 117 -5.10 -21.39 4.19
C HIS D 117 -4.10 -22.31 4.89
N ASP D 118 -4.51 -23.55 5.17
CA ASP D 118 -3.74 -24.53 5.97
C ASP D 118 -2.46 -24.90 5.20
N ILE D 119 -2.59 -25.27 3.93
CA ILE D 119 -1.42 -25.61 3.08
C ILE D 119 -0.72 -24.31 2.66
N SER D 120 -1.44 -23.34 2.10
CA SER D 120 -0.83 -22.15 1.42
C SER D 120 -0.26 -21.11 2.42
N ALA D 121 -0.64 -21.11 3.71
CA ALA D 121 -0.24 -20.04 4.66
C ALA D 121 0.38 -20.58 5.98
N TYR D 122 -0.30 -21.50 6.69
CA TYR D 122 0.17 -21.95 8.03
C TYR D 122 1.43 -22.80 7.86
N SER D 123 1.48 -23.58 6.79
CA SER D 123 2.64 -24.45 6.47
C SER D 123 3.92 -23.64 6.62
N PHE D 124 3.91 -22.41 6.14
CA PHE D 124 5.09 -21.53 6.19
C PHE D 124 5.54 -21.35 7.64
N VAL D 125 4.62 -20.96 8.53
CA VAL D 125 4.90 -20.72 9.98
C VAL D 125 5.42 -22.03 10.60
N ALA D 126 4.75 -23.15 10.33
CA ALA D 126 5.04 -24.48 10.91
C ALA D 126 6.46 -24.92 10.53
N MET D 127 6.79 -24.75 9.25
CA MET D 127 8.15 -25.01 8.73
C MET D 127 9.17 -24.06 9.37
N ALA D 128 8.83 -22.79 9.57
CA ALA D 128 9.75 -21.81 10.20
C ALA D 128 10.04 -22.25 11.65
N ARG D 129 9.03 -22.75 12.37
CA ARG D 129 9.24 -23.26 13.76
C ARG D 129 10.16 -24.48 13.74
N ALA D 130 9.86 -25.46 12.88
CA ALA D 130 10.66 -26.70 12.70
C ALA D 130 12.09 -26.39 12.23
N ALA D 131 12.26 -25.44 11.32
CA ALA D 131 13.57 -25.07 10.72
C ALA D 131 14.39 -24.15 11.63
N LYS D 132 13.84 -23.71 12.76
CA LYS D 132 14.44 -22.61 13.58
C LYS D 132 15.80 -23.00 14.18
N PRO D 133 16.00 -24.23 14.73
CA PRO D 133 17.29 -24.56 15.33
C PRO D 133 18.43 -24.51 14.30
N LEU D 134 18.24 -25.16 13.15
CA LEU D 134 19.26 -25.24 12.09
C LEU D 134 19.65 -23.84 11.62
N LEU D 135 18.67 -22.99 11.31
CA LEU D 135 18.90 -21.62 10.75
C LEU D 135 19.63 -20.73 11.78
N GLN D 136 19.36 -20.94 13.07
CA GLN D 136 20.01 -20.18 14.19
C GLN D 136 21.53 -20.35 14.07
N ALA D 137 21.98 -21.59 13.82
CA ALA D 137 23.40 -21.97 13.63
C ALA D 137 24.06 -21.06 12.58
N ARG D 138 23.52 -21.01 11.37
CA ARG D 138 24.16 -20.25 10.25
C ARG D 138 23.65 -18.80 10.14
N GLN D 139 22.67 -18.40 10.97
CA GLN D 139 21.94 -17.10 10.83
C GLN D 139 21.39 -17.02 9.40
N GLY D 140 20.66 -18.05 9.01
CA GLY D 140 20.17 -18.23 7.62
C GLY D 140 18.96 -17.36 7.38
N CYS D 141 18.03 -17.84 6.55
CA CYS D 141 16.83 -17.05 6.19
C CYS D 141 15.77 -17.91 5.50
N LEU D 142 14.54 -17.41 5.54
CA LEU D 142 13.36 -18.06 4.94
C LEU D 142 12.94 -17.32 3.67
N LEU D 143 12.23 -18.01 2.79
CA LEU D 143 11.66 -17.42 1.56
C LEU D 143 10.38 -18.16 1.19
N THR D 144 9.33 -17.42 0.87
CA THR D 144 8.07 -17.99 0.36
C THR D 144 7.66 -17.26 -0.89
N LEU D 145 6.70 -17.85 -1.59
CA LEU D 145 6.18 -17.31 -2.87
C LEU D 145 4.74 -16.86 -2.64
N THR D 146 4.40 -15.70 -3.20
CA THR D 146 3.03 -15.15 -3.14
C THR D 146 2.65 -14.54 -4.49
N TYR D 147 1.36 -14.24 -4.64
CA TYR D 147 0.75 -13.70 -5.88
C TYR D 147 -0.06 -12.47 -5.51
N GLN D 148 0.02 -11.43 -6.34
CA GLN D 148 -0.63 -10.12 -6.05
C GLN D 148 -2.15 -10.23 -6.08
N GLY D 149 -2.72 -11.45 -6.15
CA GLY D 149 -4.17 -11.69 -6.04
C GLY D 149 -4.70 -11.37 -4.65
N SER D 150 -3.82 -11.38 -3.66
CA SER D 150 -4.09 -10.91 -2.28
C SER D 150 -4.42 -9.42 -2.30
N GLU D 151 -3.53 -8.65 -2.93
CA GLU D 151 -3.59 -7.16 -2.89
C GLU D 151 -4.75 -6.64 -3.76
N ARG D 152 -5.03 -7.29 -4.88
CA ARG D 152 -5.99 -6.77 -5.87
C ARG D 152 -6.61 -7.94 -6.62
N VAL D 153 -7.94 -7.94 -6.79
CA VAL D 153 -8.70 -9.13 -7.26
C VAL D 153 -8.23 -9.58 -8.66
N MET D 154 -7.99 -10.88 -8.80
CA MET D 154 -7.68 -11.57 -10.09
C MET D 154 -8.77 -12.62 -10.33
N PRO D 155 -9.02 -13.01 -11.60
CA PRO D 155 -10.18 -13.85 -11.90
C PRO D 155 -9.86 -15.31 -11.58
N ASN D 156 -10.83 -16.03 -10.98
CA ASN D 156 -10.72 -17.47 -10.63
C ASN D 156 -9.67 -17.73 -9.54
N TYR D 157 -9.19 -16.72 -8.81
CA TYR D 157 -8.15 -16.87 -7.76
C TYR D 157 -8.82 -16.95 -6.39
N ASN D 158 -9.78 -16.05 -6.15
CA ASN D 158 -10.78 -16.20 -5.06
C ASN D 158 -10.12 -16.38 -3.69
N VAL D 159 -10.25 -17.57 -3.10
CA VAL D 159 -9.83 -17.84 -1.70
C VAL D 159 -8.31 -17.86 -1.62
N MET D 160 -7.62 -18.23 -2.71
CA MET D 160 -6.13 -18.14 -2.74
C MET D 160 -5.71 -16.69 -2.49
N GLY D 161 -6.52 -15.72 -2.92
CA GLY D 161 -6.29 -14.28 -2.61
C GLY D 161 -6.26 -14.10 -1.11
N MET D 162 -7.32 -14.55 -0.44
CA MET D 162 -7.39 -14.57 1.05
C MET D 162 -6.21 -15.34 1.67
N ALA D 163 -5.77 -16.45 1.09
CA ALA D 163 -4.71 -17.33 1.67
C ALA D 163 -3.33 -16.68 1.50
N LYS D 164 -3.07 -16.04 0.35
CA LYS D 164 -1.82 -15.28 0.08
C LYS D 164 -1.72 -14.06 0.99
N ALA D 165 -2.82 -13.32 1.20
CA ALA D 165 -2.86 -12.14 2.09
C ALA D 165 -2.46 -12.57 3.51
N SER D 166 -2.99 -13.69 3.96
CA SER D 166 -2.66 -14.30 5.27
C SER D 166 -1.16 -14.64 5.30
N LEU D 167 -0.68 -15.34 4.26
CA LEU D 167 0.76 -15.70 4.13
C LEU D 167 1.64 -14.45 4.22
N GLU D 168 1.32 -13.41 3.46
CA GLU D 168 2.18 -12.20 3.37
C GLU D 168 2.28 -11.54 4.75
N ALA D 169 1.17 -11.40 5.47
CA ALA D 169 1.19 -10.88 6.86
C ALA D 169 2.05 -11.80 7.71
N GLY D 170 1.83 -13.11 7.61
CA GLY D 170 2.70 -14.14 8.21
C GLY D 170 4.17 -13.85 8.01
N VAL D 171 4.58 -13.50 6.79
CA VAL D 171 6.00 -13.20 6.45
C VAL D 171 6.49 -12.10 7.37
N ARG D 172 5.69 -11.05 7.56
CA ARG D 172 6.07 -9.91 8.44
C ARG D 172 6.09 -10.34 9.91
N TYR D 173 5.14 -11.16 10.36
CA TYR D 173 5.07 -11.58 11.77
C TYR D 173 6.31 -12.42 12.06
N LEU D 174 6.66 -13.32 11.14
CA LEU D 174 7.93 -14.08 11.22
C LEU D 174 9.12 -13.12 11.21
N ALA D 175 9.20 -12.23 10.22
CA ALA D 175 10.30 -11.25 10.13
C ALA D 175 10.65 -10.67 11.52
N SER D 176 9.65 -10.32 12.33
CA SER D 176 9.83 -9.67 13.66
C SER D 176 10.21 -10.71 14.72
N SER D 177 9.55 -11.88 14.71
CA SER D 177 9.80 -12.98 15.68
C SER D 177 11.25 -13.49 15.57
N LEU D 178 11.70 -13.85 14.36
CA LEU D 178 13.01 -14.50 14.10
C LEU D 178 14.13 -13.46 13.84
N GLY D 179 13.84 -12.15 13.86
CA GLY D 179 14.82 -11.10 13.49
C GLY D 179 15.87 -10.88 14.56
N VAL D 180 15.54 -11.26 15.80
CA VAL D 180 16.46 -11.21 16.99
C VAL D 180 17.67 -12.14 16.76
N ASP D 181 17.52 -13.14 15.89
CA ASP D 181 18.55 -14.18 15.62
C ASP D 181 19.27 -13.97 14.29
N GLY D 182 19.06 -12.84 13.60
CA GLY D 182 19.60 -12.64 12.24
C GLY D 182 18.88 -13.43 11.15
N ILE D 183 17.87 -14.24 11.48
CA ILE D 183 17.05 -15.01 10.48
C ILE D 183 16.18 -14.02 9.71
N ARG D 184 16.43 -13.91 8.40
CA ARG D 184 15.63 -13.03 7.51
C ARG D 184 14.42 -13.82 7.02
N VAL D 185 13.36 -13.10 6.68
CA VAL D 185 12.11 -13.70 6.11
C VAL D 185 11.61 -12.77 5.01
N ASN D 186 11.52 -13.29 3.80
CA ASN D 186 11.02 -12.51 2.65
C ASN D 186 10.13 -13.38 1.79
N ALA D 187 9.54 -12.75 0.79
CA ALA D 187 8.71 -13.43 -0.20
C ALA D 187 8.95 -12.78 -1.55
N ILE D 188 8.62 -13.53 -2.59
CA ILE D 188 8.61 -13.03 -3.99
C ILE D 188 7.16 -13.05 -4.42
N SER D 189 6.70 -11.92 -4.95
CA SER D 189 5.40 -11.82 -5.63
C SER D 189 5.68 -12.00 -7.13
N ALA D 190 5.46 -13.22 -7.59
CA ALA D 190 5.77 -13.64 -8.97
C ALA D 190 4.58 -13.26 -9.85
N GLY D 191 4.86 -12.77 -11.06
CA GLY D 191 3.85 -12.74 -12.13
C GLY D 191 3.25 -14.13 -12.31
N PRO D 192 2.23 -14.27 -13.19
CA PRO D 192 1.70 -15.60 -13.45
C PRO D 192 2.74 -16.37 -14.29
N ILE D 193 2.84 -17.67 -14.01
CA ILE D 193 3.79 -18.59 -14.71
C ILE D 193 3.05 -19.91 -14.94
N ARG D 194 2.97 -20.36 -16.19
CA ARG D 194 2.47 -21.73 -16.45
C ARG D 194 3.46 -22.68 -15.80
N THR D 195 3.04 -23.18 -14.65
CA THR D 195 3.65 -24.32 -13.94
C THR D 195 2.54 -25.33 -13.80
N LEU D 196 2.81 -26.43 -13.11
CA LEU D 196 1.90 -27.60 -13.08
C LEU D 196 0.52 -27.17 -12.55
N ALA D 197 0.48 -26.30 -11.53
CA ALA D 197 -0.74 -25.80 -10.85
C ALA D 197 -1.61 -24.90 -11.76
N ALA D 198 -1.56 -25.08 -13.09
CA ALA D 198 -2.49 -24.43 -14.04
C ALA D 198 -2.92 -25.34 -15.19
N SER D 199 -2.49 -26.62 -15.24
CA SER D 199 -2.74 -27.51 -16.40
C SER D 199 -4.16 -28.11 -16.34
N GLY D 200 -4.85 -28.14 -17.49
CA GLY D 200 -6.29 -28.45 -17.60
C GLY D 200 -7.16 -27.22 -17.50
N ILE D 201 -6.56 -26.07 -17.13
CA ILE D 201 -7.27 -24.77 -16.89
C ILE D 201 -7.11 -23.91 -18.16
N LYS D 202 -8.24 -23.61 -18.83
CA LYS D 202 -8.29 -22.80 -20.09
C LYS D 202 -8.35 -21.29 -19.79
N SER D 203 -8.62 -20.89 -18.54
CA SER D 203 -8.66 -19.48 -18.09
C SER D 203 -7.24 -18.90 -17.96
N PHE D 204 -6.32 -19.71 -17.47
CA PHE D 204 -4.89 -19.36 -17.26
C PHE D 204 -4.24 -18.90 -18.58
N ARG D 205 -4.55 -19.58 -19.68
CA ARG D 205 -4.19 -19.17 -21.06
C ARG D 205 -4.48 -17.68 -21.23
N LYS D 206 -5.76 -17.31 -21.18
CA LYS D 206 -6.26 -15.92 -21.38
C LYS D 206 -5.57 -14.99 -20.39
N MET D 207 -5.21 -15.52 -19.24
CA MET D 207 -4.64 -14.74 -18.12
C MET D 207 -3.19 -14.34 -18.45
N LEU D 208 -2.41 -15.27 -19.02
CA LEU D 208 -1.01 -14.98 -19.47
C LEU D 208 -0.99 -13.99 -20.63
N ASP D 209 -1.99 -14.02 -21.50
CA ASP D 209 -2.07 -13.15 -22.69
C ASP D 209 -2.39 -11.71 -22.27
N ALA D 210 -3.27 -11.55 -21.28
CA ALA D 210 -3.62 -10.25 -20.69
C ALA D 210 -2.35 -9.65 -20.07
N ASN D 211 -1.72 -10.40 -19.17
CA ASN D 211 -0.48 -10.04 -18.44
C ASN D 211 0.62 -9.51 -19.39
N GLU D 212 0.74 -10.11 -20.58
CA GLU D 212 1.74 -9.70 -21.60
C GLU D 212 1.40 -8.31 -22.15
N LYS D 213 0.12 -7.96 -22.24
CA LYS D 213 -0.34 -6.66 -22.80
C LYS D 213 -0.22 -5.54 -21.76
N VAL D 214 -0.63 -5.82 -20.51
CA VAL D 214 -0.64 -4.82 -19.39
C VAL D 214 0.77 -4.53 -18.87
N ALA D 215 1.63 -5.55 -18.74
CA ALA D 215 2.98 -5.42 -18.14
C ALA D 215 3.81 -4.39 -18.90
N PRO D 216 4.53 -3.51 -18.17
CA PRO D 216 5.44 -2.54 -18.80
C PRO D 216 6.43 -3.14 -19.80
N LEU D 217 7.17 -4.16 -19.39
CA LEU D 217 8.23 -4.78 -20.25
C LEU D 217 7.60 -5.57 -21.41
N LYS D 218 6.30 -5.87 -21.32
CA LYS D 218 5.49 -6.47 -22.41
C LYS D 218 5.95 -7.92 -22.60
N ARG D 219 5.94 -8.67 -21.52
CA ARG D 219 6.36 -10.10 -21.52
C ARG D 219 6.11 -10.70 -20.15
N ASN D 220 5.71 -11.97 -20.14
CA ASN D 220 5.49 -12.72 -18.88
C ASN D 220 6.82 -13.06 -18.22
N VAL D 221 6.76 -13.66 -17.05
CA VAL D 221 7.96 -14.19 -16.37
C VAL D 221 7.85 -15.71 -16.44
N THR D 222 8.95 -16.35 -16.78
CA THR D 222 9.19 -17.80 -16.51
C THR D 222 9.85 -17.89 -15.13
N ILE D 223 10.69 -18.90 -14.89
CA ILE D 223 11.11 -19.29 -13.52
C ILE D 223 12.56 -18.86 -13.24
N GLU D 224 13.31 -18.38 -14.22
CA GLU D 224 14.76 -18.13 -14.00
C GLU D 224 14.98 -16.71 -13.45
N GLU D 225 14.04 -15.78 -13.67
CA GLU D 225 14.11 -14.42 -13.07
C GLU D 225 13.51 -14.49 -11.66
N VAL D 226 12.48 -15.32 -11.49
CA VAL D 226 11.97 -15.66 -10.13
C VAL D 226 13.05 -16.44 -9.39
N GLY D 227 13.75 -17.33 -10.09
CA GLY D 227 14.88 -18.10 -9.50
C GLY D 227 16.01 -17.19 -9.06
N ASN D 228 16.44 -16.31 -9.95
CA ASN D 228 17.58 -15.39 -9.72
C ASN D 228 17.24 -14.39 -8.60
N ALA D 229 15.97 -14.04 -8.45
CA ALA D 229 15.52 -13.07 -7.41
C ALA D 229 15.52 -13.77 -6.06
N ALA D 230 15.11 -15.04 -6.03
CA ALA D 230 15.24 -15.91 -4.84
C ALA D 230 16.71 -16.11 -4.47
N LEU D 231 17.58 -16.24 -5.48
CA LEU D 231 19.05 -16.27 -5.28
C LEU D 231 19.45 -15.01 -4.51
N PHE D 232 19.00 -13.84 -4.97
CA PHE D 232 19.38 -12.54 -4.38
C PHE D 232 18.92 -12.47 -2.92
N LEU D 233 17.64 -12.76 -2.67
CA LEU D 233 17.04 -12.66 -1.31
C LEU D 233 17.62 -13.74 -0.40
N CYS D 234 18.20 -14.80 -0.96
CA CYS D 234 18.90 -15.87 -0.19
C CYS D 234 20.41 -15.61 -0.05
N SER D 235 20.96 -14.59 -0.71
CA SER D 235 22.41 -14.26 -0.65
C SER D 235 22.72 -13.23 0.44
N PRO D 236 23.98 -13.18 0.94
CA PRO D 236 24.48 -12.06 1.73
C PRO D 236 24.44 -10.64 1.14
N TRP D 237 23.99 -10.47 -0.10
CA TRP D 237 23.74 -9.14 -0.72
C TRP D 237 22.42 -8.54 -0.22
N ALA D 238 21.52 -9.37 0.33
CA ALA D 238 20.24 -8.93 0.93
C ALA D 238 20.26 -9.12 2.45
N SER D 239 21.42 -8.92 3.08
CA SER D 239 21.55 -9.08 4.55
C SER D 239 20.68 -8.03 5.27
N GLY D 240 20.44 -6.89 4.62
CA GLY D 240 19.67 -5.76 5.19
C GLY D 240 18.19 -5.79 4.85
N ILE D 241 17.74 -6.79 4.08
CA ILE D 241 16.33 -6.90 3.62
C ILE D 241 15.61 -8.03 4.35
N THR D 242 14.72 -7.70 5.30
CA THR D 242 13.79 -8.70 5.86
C THR D 242 12.36 -8.14 5.85
N GLY D 243 11.39 -9.06 5.80
CA GLY D 243 9.95 -8.76 5.74
C GLY D 243 9.52 -8.17 4.39
N GLU D 244 10.34 -8.26 3.36
CA GLU D 244 10.01 -7.67 2.04
C GLU D 244 9.12 -8.62 1.29
N ILE D 245 8.30 -8.06 0.41
CA ILE D 245 7.55 -8.76 -0.67
C ILE D 245 8.05 -8.13 -1.97
N LEU D 246 9.01 -8.80 -2.62
CA LEU D 246 9.63 -8.34 -3.87
C LEU D 246 8.76 -8.77 -5.04
N TYR D 247 8.37 -7.82 -5.89
CA TYR D 247 7.49 -8.08 -7.05
C TYR D 247 8.37 -8.46 -8.23
N VAL D 248 8.30 -9.74 -8.63
CA VAL D 248 8.94 -10.25 -9.86
C VAL D 248 7.82 -10.55 -10.86
N ASP D 249 7.35 -9.52 -11.56
CA ASP D 249 6.16 -9.62 -12.47
C ASP D 249 6.29 -8.67 -13.67
N ALA D 250 7.52 -8.33 -14.08
CA ALA D 250 7.81 -7.39 -15.18
C ALA D 250 6.83 -6.22 -15.10
N GLY D 251 6.66 -5.66 -13.90
CA GLY D 251 6.00 -4.37 -13.64
C GLY D 251 4.48 -4.42 -13.57
N PHE D 252 3.86 -5.58 -13.76
CA PHE D 252 2.39 -5.66 -13.94
C PHE D 252 1.66 -4.85 -12.85
N ASN D 253 2.09 -4.98 -11.60
CA ASN D 253 1.38 -4.41 -10.42
C ASN D 253 1.34 -2.87 -10.47
N THR D 254 2.29 -2.21 -11.16
CA THR D 254 2.31 -0.72 -11.20
C THR D 254 1.25 -0.18 -12.18
N VAL D 255 0.80 -0.98 -13.14
CA VAL D 255 -0.10 -0.44 -14.20
C VAL D 255 -1.51 -0.38 -13.64
N GLY D 256 -2.10 0.82 -13.73
CA GLY D 256 -3.46 1.13 -13.28
C GLY D 256 -4.49 0.87 -14.36
N MET D 257 -4.09 1.03 -15.61
CA MET D 257 -4.99 0.97 -16.77
C MET D 257 -4.14 1.02 -18.02
N SER D 258 -4.11 -0.06 -18.80
CA SER D 258 -3.17 -0.20 -19.93
C SER D 258 -3.90 0.16 -21.22
N GLN D 259 -3.19 0.79 -22.14
CA GLN D 259 -3.79 1.34 -23.38
C GLN D 259 -4.41 0.18 -24.17
N SER D 260 -5.73 0.27 -24.37
CA SER D 260 -6.64 -0.84 -24.76
C SER D 260 -6.53 -1.98 -23.74
PA NAD E . -12.40 21.39 -12.67
O1A NAD E . -13.89 21.47 -12.69
O2A NAD E . -11.61 21.94 -13.82
O5B NAD E . -11.88 22.05 -11.31
C5B NAD E . -10.48 22.35 -11.12
C4B NAD E . -10.38 23.70 -10.44
O4B NAD E . -9.00 24.10 -10.29
C3B NAD E . -11.07 24.82 -11.25
O3B NAD E . -11.89 25.65 -10.43
C2B NAD E . -9.86 25.56 -11.83
O2B NAD E . -10.12 26.90 -12.22
C1B NAD E . -8.96 25.47 -10.60
N9A NAD E . -7.63 26.01 -10.86
C8A NAD E . -6.83 25.80 -11.96
N7A NAD E . -5.71 26.50 -11.93
C5A NAD E . -5.81 27.25 -10.76
C6A NAD E . -4.96 28.21 -10.18
N6A NAD E . -3.80 28.59 -10.73
N1A NAD E . -5.35 28.79 -9.02
C2A NAD E . -6.52 28.40 -8.47
N3A NAD E . -7.40 27.52 -8.93
C4A NAD E . -6.99 26.98 -10.11
O3 NAD E . -11.98 19.85 -12.43
PN NAD E . -12.42 18.89 -11.21
O1N NAD E . -12.86 17.57 -11.76
O2N NAD E . -13.38 19.64 -10.34
O5D NAD E . -11.03 18.72 -10.46
C5D NAD E . -10.95 18.98 -9.02
C4D NAD E . -9.71 18.36 -8.41
O4D NAD E . -9.92 16.93 -8.26
C3D NAD E . -8.40 18.53 -9.19
O3D NAD E . -7.33 18.71 -8.28
C2D NAD E . -8.30 17.21 -9.96
O2D NAD E . -6.96 16.89 -10.30
C1D NAD E . -8.87 16.24 -8.94
N1N NAD E . -9.45 14.97 -9.50
C2N NAD E . -10.12 14.94 -10.68
C3N NAD E . -10.69 13.75 -11.12
C7N NAD E . -11.44 13.73 -12.42
O7N NAD E . -11.25 12.81 -13.21
N7N NAD E . -12.30 14.72 -12.65
C4N NAD E . -10.55 12.60 -10.37
C5N NAD E . -9.86 12.63 -9.19
C6N NAD E . -9.33 13.83 -8.76
PA NAD F . -15.78 -7.95 21.21
O1A NAD F . -16.86 -7.31 22.04
O2A NAD F . -14.98 -9.06 21.81
O5B NAD F . -16.39 -8.40 19.80
C5B NAD F . -16.10 -9.67 19.16
C4B NAD F . -17.40 -10.41 18.99
O4B NAD F . -17.21 -11.69 18.33
C3B NAD F . -18.09 -10.73 20.33
O3B NAD F . -19.30 -9.98 20.45
C2B NAD F . -18.32 -12.25 20.28
O2B NAD F . -19.56 -12.68 20.81
C1B NAD F . -18.26 -12.53 18.78
N9A NAD F . -17.99 -13.93 18.49
C8A NAD F . -16.91 -14.67 18.91
N7A NAD F . -16.96 -15.93 18.54
C5A NAD F . -18.16 -16.05 17.86
C6A NAD F . -18.80 -17.14 17.22
N6A NAD F . -18.28 -18.37 17.17
N1A NAD F . -19.99 -16.91 16.63
C2A NAD F . -20.51 -15.67 16.67
N3A NAD F . -20.00 -14.58 17.24
C4A NAD F . -18.81 -14.83 17.83
O3 NAD F . -14.78 -6.81 20.71
PN NAD F . -14.93 -5.74 19.53
O1N NAD F . -13.78 -4.80 19.63
O2N NAD F . -16.33 -5.17 19.52
O5D NAD F . -14.72 -6.70 18.26
C5D NAD F . -15.49 -6.55 17.06
C4D NAD F . -14.56 -6.63 15.88
O4D NAD F . -13.79 -5.41 15.84
C3D NAD F . -13.54 -7.79 15.91
O3D NAD F . -13.60 -8.57 14.73
C2D NAD F . -12.21 -7.06 16.10
O2D NAD F . -11.13 -7.70 15.44
C1D NAD F . -12.47 -5.71 15.47
N1N NAD F . -11.54 -4.63 15.94
C2N NAD F . -11.47 -4.26 17.27
C3N NAD F . -10.59 -3.24 17.67
C7N NAD F . -10.50 -2.81 19.11
O7N NAD F . -10.02 -1.72 19.39
N7N NAD F . -10.96 -3.65 20.04
C4N NAD F . -9.80 -2.61 16.70
C5N NAD F . -9.89 -3.01 15.39
C6N NAD F . -10.76 -4.02 15.03
PA NAD G . 24.65 13.24 -0.13
O1A NAD G . 26.07 12.84 0.12
O2A NAD G . 24.25 14.65 0.09
O5B NAD G . 24.27 12.77 -1.62
C5B NAD G . 23.33 13.52 -2.44
C4B NAD G . 24.04 14.02 -3.68
O4B NAD G . 23.20 14.95 -4.40
C3B NAD G . 25.35 14.78 -3.39
O3B NAD G . 26.44 13.99 -3.85
C2B NAD G . 25.18 16.12 -4.12
O2B NAD G . 26.35 16.54 -4.82
C1B NAD G . 24.05 15.84 -5.10
N9A NAD G . 23.34 17.05 -5.53
C8A NAD G . 22.63 17.94 -4.77
N7A NAD G . 22.13 18.94 -5.47
C5A NAD G . 22.55 18.70 -6.77
C6A NAD G . 22.36 19.40 -7.99
N6A NAD G . 21.67 20.53 -8.09
N1A NAD G . 22.94 18.89 -9.12
C2A NAD G . 23.63 17.75 -9.01
N3A NAD G . 23.88 17.01 -7.93
C4A NAD G . 23.30 17.55 -6.82
O3 NAD G . 23.71 12.27 0.74
PN NAD G . 23.39 10.72 0.46
O1N NAD G . 23.13 10.04 1.77
O2N NAD G . 24.42 10.14 -0.44
O5D NAD G . 22.00 10.85 -0.32
C5D NAD G . 21.83 10.08 -1.53
C4D NAD G . 20.36 9.95 -1.88
O4D NAD G . 19.76 8.95 -1.03
C3D NAD G . 19.51 11.21 -1.69
O3D NAD G . 18.53 11.26 -2.72
C2D NAD G . 18.90 11.00 -0.30
O2D NAD G . 17.74 11.83 -0.15
C1D NAD G . 18.61 9.49 -0.38
N1N NAD G . 18.42 8.76 0.92
C2N NAD G . 19.35 8.85 1.94
C3N NAD G . 19.17 8.11 3.12
C7N NAD G . 20.16 8.25 4.25
O7N NAD G . 19.73 8.35 5.41
N7N NAD G . 21.45 8.26 3.96
C4N NAD G . 18.07 7.26 3.23
C5N NAD G . 17.18 7.16 2.18
C6N NAD G . 17.37 7.93 1.06
PA NAD H . 3.62 -26.24 -8.29
O1A NAD H . 4.79 -26.70 -9.11
O2A NAD H . 2.36 -27.04 -8.30
O5B NAD H . 4.13 -26.02 -6.80
C5B NAD H . 3.26 -26.14 -5.66
C4B NAD H . 3.91 -27.14 -4.74
O4B NAD H . 3.07 -27.37 -3.57
C3B NAD H . 4.15 -28.50 -5.39
O3B NAD H . 5.52 -28.90 -5.29
C2B NAD H . 3.25 -29.45 -4.60
O2B NAD H . 3.86 -30.72 -4.54
C1B NAD H . 3.17 -28.74 -3.25
N9A NAD H . 2.05 -29.19 -2.42
C8A NAD H . 0.71 -29.16 -2.72
N7A NAD H . -0.04 -29.68 -1.78
C5A NAD H . 0.85 -30.09 -0.79
C6A NAD H . 0.67 -30.72 0.46
N6A NAD H . -0.51 -31.08 0.95
N1A NAD H . 1.79 -30.99 1.19
C2A NAD H . 2.98 -30.63 0.68
N3A NAD H . 3.26 -30.04 -0.48
C4A NAD H . 2.14 -29.80 -1.19
O3 NAD H . 3.31 -24.71 -8.66
PN NAD H . 4.33 -23.50 -8.39
O1N NAD H . 4.14 -22.47 -9.45
O2N NAD H . 5.71 -24.04 -8.18
O5D NAD H . 3.76 -22.93 -6.99
C5D NAD H . 4.72 -22.48 -6.00
C4D NAD H . 4.12 -21.50 -5.02
O4D NAD H . 4.19 -20.15 -5.55
C3D NAD H . 2.65 -21.74 -4.66
O3D NAD H . 2.42 -21.35 -3.31
C2D NAD H . 1.92 -20.81 -5.64
O2D NAD H . 0.61 -20.54 -5.17
C1D NAD H . 2.87 -19.60 -5.61
N1N NAD H . 2.79 -18.70 -6.81
C2N NAD H . 2.40 -19.14 -8.05
C3N NAD H . 2.36 -18.27 -9.12
C7N NAD H . 1.95 -18.79 -10.48
O7N NAD H . 1.17 -18.12 -11.15
N7N NAD H . 2.45 -19.94 -10.88
C4N NAD H . 2.71 -16.94 -8.94
C5N NAD H . 3.07 -16.49 -7.69
C6N NAD H . 3.13 -17.39 -6.65
#